data_9E69
#
_entry.id   9E69
#
_cell.length_a   93.969
_cell.length_b   93.969
_cell.length_c   107.667
_cell.angle_alpha   90.00
_cell.angle_beta   90.00
_cell.angle_gamma   120.00
#
_symmetry.space_group_name_H-M   'P 32'
#
loop_
_entity.id
_entity.type
_entity.pdbx_description
1 polymer 'Heavy chain of antibody 5E10'
2 polymer 'Light Chain of antibody 5E10'
3 polymer 'Heavy Chain of antibody 5E10'
4 polymer 'Light Chain of antibody 5E10'
#
loop_
_entity_poly.entity_id
_entity_poly.type
_entity_poly.pdbx_seq_one_letter_code
_entity_poly.pdbx_strand_id
1 'polypeptide(L)'
;MGRLTSSFLLLIVPAYVLSQVTLKESGPGILQPSQTLSLTCSFSGFSLSTFGMGVGWIRQPSGKGLEWLAHIWWDNDEYC
NPALKSRLTISKDTSKNHIFLKIANVDTADTATYYCARIFANYGGDAMDYWGQGTSVTVSSASTTPPSVYPLAPVTGSSV
TLGCLVKGYFPEPVTLTWNSGSLSSGVHTFPAVLQSDLYTLSSSVTVTSSTWPSQSITCNVAHPASSTKVDKKIDPAG
;
H
2 'polypeptide(L)'
;MAWTSLILSLLALCSGASSQAVVTQESALTTSPGGTVILTCRSSTGAVTTSNYANWVQKKPDHLFTGLIGGTSNRVSGVP
VRFSGSLIGDKAALTITGAQTEDDAMYFCALWFSTHYVFGGGTKVTVLSQPKSSPSVTLFPPSSEELETNKATLVCTITD
FYPGVVTVDWKVDGTPVTQGMETTQPSKQSNNKYMASSYLTLTARAWERHSSYSCQVTHEGHTVEKSLS
;
L
3 'polypeptide(L)'
;MGRLTSSFLLLIVPAYVLSQVTLKESGPGILQPSQTLSLTCSFSGFSLSTFGMGVGWIRQPSGKGLEWLAHIWWDNDEYC
NPALKSRLTISKDTSKNHIFLKIANVDTADTATYYCARIFANYGGDAMDYWGQGTSVTVSSASTTAPSVYPLAPTGSSVT
LGCLVKGYFPEPVTLTWNSGSLSSGVHTFPAVLQSDLYTLSSSVTVTSSTWPSQSITCNVAHPASSTKVDKKIDPA
;
A
4 'polypeptide(L)'
;MAWTSLILSLLALCSGASSQAVVTQESALTTSPGGTVILTCRSSTGAVTTSNYANWVQKKPDHLFTGLIGGTSNRVSGVP
VRFSGSLIGDKAALTITGAQTEDDAMYFCALWFSTHYVFGGGTKVTVLSQPKSSPSVTLFPPSSEELETNKATLVCTITD
FYPGVVTVDWKVDGTPVTQGMETTQPSKQSNNKYMASSYLTLTARAWERHSSYSCQVTHEGHTVEKSLSR
;
B
#
# COMPACT_ATOMS: atom_id res chain seq x y z
N GLN A 20 -2.94 -1.11 -33.62
CA GLN A 20 -2.85 -2.07 -32.53
C GLN A 20 -3.68 -3.32 -32.82
N VAL A 21 -3.35 -4.42 -32.14
CA VAL A 21 -4.03 -5.70 -32.33
C VAL A 21 -5.03 -5.89 -31.19
N THR A 22 -6.29 -6.14 -31.56
CA THR A 22 -7.34 -6.40 -30.57
C THR A 22 -8.20 -7.57 -31.04
N LEU A 23 -8.75 -8.27 -30.06
CA LEU A 23 -9.70 -9.35 -30.30
C LEU A 23 -10.90 -9.13 -29.39
N LYS A 24 -12.10 -9.39 -29.93
CA LYS A 24 -13.36 -9.09 -29.25
C LYS A 24 -14.30 -10.28 -29.41
N GLU A 25 -14.87 -10.74 -28.31
CA GLU A 25 -15.70 -11.93 -28.30
C GLU A 25 -17.17 -11.57 -28.09
N SER A 26 -18.05 -12.31 -28.75
CA SER A 26 -19.49 -12.12 -28.63
C SER A 26 -20.16 -13.49 -28.56
N GLY A 27 -21.15 -13.60 -27.68
CA GLY A 27 -21.86 -14.84 -27.47
C GLY A 27 -23.25 -14.62 -26.89
N PRO A 28 -23.94 -15.72 -26.57
CA PRO A 28 -25.32 -15.60 -26.09
C PRO A 28 -25.42 -15.15 -24.65
N GLY A 29 -24.48 -15.56 -23.81
CA GLY A 29 -24.53 -15.26 -22.40
C GLY A 29 -25.31 -16.29 -21.60
N ILE A 30 -26.57 -16.52 -21.99
CA ILE A 30 -27.45 -17.47 -21.31
C ILE A 30 -27.87 -18.53 -22.32
N LEU A 31 -27.80 -19.79 -21.90
CA LEU A 31 -28.18 -20.90 -22.75
C LEU A 31 -28.82 -21.99 -21.91
N GLN A 32 -29.78 -22.72 -22.51
CA GLN A 32 -30.38 -23.87 -21.86
C GLN A 32 -29.60 -25.13 -22.18
N PRO A 33 -29.61 -26.13 -21.31
CA PRO A 33 -28.90 -27.38 -21.62
C PRO A 33 -29.42 -28.03 -22.89
N SER A 34 -28.54 -28.81 -23.53
CA SER A 34 -28.78 -29.52 -24.78
C SER A 34 -28.95 -28.59 -25.98
N GLN A 35 -28.70 -27.30 -25.81
CA GLN A 35 -28.71 -26.34 -26.91
C GLN A 35 -27.32 -26.32 -27.55
N THR A 36 -27.16 -25.52 -28.60
CA THR A 36 -25.88 -25.37 -29.28
C THR A 36 -25.34 -23.96 -29.07
N LEU A 37 -24.10 -23.88 -28.58
CA LEU A 37 -23.42 -22.62 -28.29
C LEU A 37 -22.69 -22.10 -29.52
N SER A 38 -22.90 -20.82 -29.81
CA SER A 38 -22.29 -20.11 -30.94
C SER A 38 -21.53 -18.90 -30.42
N LEU A 39 -20.24 -18.81 -30.74
CA LEU A 39 -19.40 -17.69 -30.36
C LEU A 39 -18.69 -17.12 -31.58
N THR A 40 -18.49 -15.80 -31.56
CA THR A 40 -17.81 -15.10 -32.66
C THR A 40 -16.74 -14.20 -32.10
N CYS A 41 -15.54 -14.27 -32.67
CA CYS A 41 -14.42 -13.41 -32.30
C CYS A 41 -14.06 -12.54 -33.50
N SER A 42 -14.20 -11.22 -33.35
CA SER A 42 -13.79 -10.26 -34.35
C SER A 42 -12.46 -9.64 -33.93
N PHE A 43 -11.50 -9.61 -34.86
CA PHE A 43 -10.16 -9.14 -34.54
C PHE A 43 -9.77 -8.02 -35.50
N SER A 44 -8.83 -7.19 -35.04
CA SER A 44 -8.30 -6.10 -35.84
C SER A 44 -6.83 -5.91 -35.50
N GLY A 45 -6.11 -5.24 -36.39
CA GLY A 45 -4.67 -5.10 -36.28
C GLY A 45 -3.89 -6.18 -36.98
N PHE A 46 -4.55 -7.23 -37.46
CA PHE A 46 -3.91 -8.29 -38.21
C PHE A 46 -4.99 -8.98 -39.04
N SER A 47 -4.55 -9.69 -40.08
CA SER A 47 -5.46 -10.41 -40.96
C SER A 47 -5.08 -11.87 -41.00
N LEU A 48 -6.08 -12.74 -41.16
CA LEU A 48 -5.82 -14.16 -41.33
C LEU A 48 -5.38 -14.52 -42.74
N SER A 49 -5.31 -13.54 -43.64
CA SER A 49 -4.61 -13.72 -44.90
C SER A 49 -3.10 -13.70 -44.70
N THR A 50 -2.62 -13.05 -43.64
CA THR A 50 -1.19 -12.92 -43.41
C THR A 50 -0.58 -14.29 -43.13
N PHE A 51 0.60 -14.51 -43.70
CA PHE A 51 1.34 -15.75 -43.54
C PHE A 51 1.74 -15.95 -42.07
N GLY A 52 1.43 -17.14 -41.55
CA GLY A 52 1.83 -17.50 -40.19
C GLY A 52 0.85 -17.14 -39.09
N MET A 53 -0.37 -16.74 -39.44
CA MET A 53 -1.35 -16.26 -38.48
C MET A 53 -2.32 -17.37 -38.11
N GLY A 54 -2.78 -17.36 -36.85
CA GLY A 54 -3.86 -18.25 -36.47
C GLY A 54 -4.61 -17.66 -35.30
N VAL A 55 -5.78 -18.24 -35.01
CA VAL A 55 -6.60 -17.79 -33.89
C VAL A 55 -7.14 -19.02 -33.17
N GLY A 56 -7.15 -18.96 -31.84
CA GLY A 56 -7.61 -20.07 -31.04
C GLY A 56 -8.68 -19.66 -30.04
N TRP A 57 -9.41 -20.67 -29.58
CA TRP A 57 -10.43 -20.56 -28.55
C TRP A 57 -10.01 -21.36 -27.33
N ILE A 58 -10.10 -20.73 -26.15
CA ILE A 58 -9.77 -21.33 -24.86
C ILE A 58 -10.86 -20.93 -23.87
N ARG A 59 -11.12 -21.78 -22.86
CA ARG A 59 -12.16 -21.48 -21.89
C ARG A 59 -11.68 -21.66 -20.45
N GLN A 60 -12.34 -20.96 -19.54
CA GLN A 60 -12.07 -21.02 -18.10
C GLN A 60 -13.38 -21.25 -17.37
N PRO A 61 -13.60 -22.43 -16.78
CA PRO A 61 -14.91 -22.72 -16.18
C PRO A 61 -15.16 -22.04 -14.83
N SER A 62 -14.34 -21.04 -14.48
CA SER A 62 -14.44 -20.30 -13.22
C SER A 62 -14.12 -21.19 -12.03
N GLY A 63 -13.18 -20.76 -11.19
CA GLY A 63 -12.66 -21.62 -10.14
C GLY A 63 -11.69 -22.66 -10.66
N LYS A 64 -12.03 -23.31 -11.78
CA LYS A 64 -11.14 -24.26 -12.42
C LYS A 64 -10.15 -23.52 -13.32
N GLY A 65 -9.33 -24.29 -14.05
CA GLY A 65 -8.23 -23.75 -14.83
C GLY A 65 -8.59 -23.46 -16.28
N LEU A 66 -7.56 -23.50 -17.12
CA LEU A 66 -7.70 -23.19 -18.55
C LEU A 66 -7.85 -24.47 -19.35
N GLU A 67 -8.80 -24.48 -20.28
CA GLU A 67 -8.97 -25.59 -21.22
C GLU A 67 -8.81 -25.06 -22.64
N TRP A 68 -7.75 -25.51 -23.32
CA TRP A 68 -7.57 -25.17 -24.73
C TRP A 68 -8.62 -25.90 -25.57
N LEU A 69 -9.42 -25.14 -26.30
CA LEU A 69 -10.48 -25.75 -27.11
C LEU A 69 -10.00 -26.05 -28.53
N ALA A 70 -9.62 -25.02 -29.28
CA ALA A 70 -9.24 -25.29 -30.67
C ALA A 70 -8.47 -24.11 -31.24
N HIS A 71 -7.94 -24.30 -32.45
CA HIS A 71 -7.38 -23.18 -33.19
C HIS A 71 -7.38 -23.47 -34.68
N ILE A 72 -7.46 -22.38 -35.46
CA ILE A 72 -7.48 -22.43 -36.91
C ILE A 72 -6.34 -21.57 -37.43
N TRP A 73 -5.74 -22.03 -38.54
CA TRP A 73 -4.56 -21.41 -39.14
C TRP A 73 -4.95 -20.68 -40.42
N TRP A 74 -4.00 -19.92 -40.96
CA TRP A 74 -4.25 -19.15 -42.16
C TRP A 74 -4.48 -20.04 -43.38
N ASP A 75 -3.85 -21.23 -43.41
CA ASP A 75 -4.04 -22.18 -44.49
C ASP A 75 -5.18 -23.15 -44.22
N ASN A 76 -6.23 -22.70 -43.53
CA ASN A 76 -7.44 -23.48 -43.23
C ASN A 76 -7.15 -24.85 -42.63
N ASP A 77 -6.01 -24.99 -41.96
CA ASP A 77 -5.73 -26.17 -41.15
C ASP A 77 -6.27 -25.95 -39.74
N GLU A 78 -6.93 -26.97 -39.20
CA GLU A 78 -7.64 -26.85 -37.93
C GLU A 78 -7.15 -27.90 -36.95
N TYR A 79 -7.09 -27.54 -35.67
CA TYR A 79 -6.79 -28.50 -34.62
C TYR A 79 -7.75 -28.25 -33.47
N CYS A 80 -8.18 -29.33 -32.82
CA CYS A 80 -9.14 -29.21 -31.73
C CYS A 80 -8.79 -30.19 -30.63
N ASN A 81 -9.32 -29.92 -29.43
CA ASN A 81 -9.14 -30.80 -28.29
C ASN A 81 -9.74 -32.15 -28.59
N PRO A 82 -8.97 -33.24 -28.49
CA PRO A 82 -9.51 -34.56 -28.86
C PRO A 82 -10.68 -35.00 -28.03
N ALA A 83 -10.79 -34.49 -26.80
CA ALA A 83 -11.91 -34.84 -25.93
C ALA A 83 -13.21 -34.18 -26.35
N LEU A 84 -13.22 -33.36 -27.41
CA LEU A 84 -14.40 -32.59 -27.75
C LEU A 84 -14.71 -32.54 -29.24
N LYS A 85 -13.97 -33.27 -30.09
CA LYS A 85 -14.12 -33.11 -31.54
C LYS A 85 -15.55 -33.36 -32.01
N SER A 86 -16.15 -34.46 -31.56
CA SER A 86 -17.51 -34.76 -32.02
C SER A 86 -18.55 -33.73 -31.60
N ARG A 87 -18.16 -32.71 -30.84
CA ARG A 87 -19.05 -31.62 -30.49
C ARG A 87 -18.51 -30.25 -30.90
N LEU A 88 -17.29 -30.18 -31.40
CA LEU A 88 -16.60 -28.92 -31.66
C LEU A 88 -16.61 -28.58 -33.14
N THR A 89 -16.76 -27.29 -33.44
CA THR A 89 -16.64 -26.81 -34.82
C THR A 89 -16.02 -25.43 -34.79
N ILE A 90 -15.01 -25.20 -35.63
CA ILE A 90 -14.36 -23.91 -35.72
C ILE A 90 -14.21 -23.57 -37.20
N SER A 91 -14.48 -22.31 -37.54
CA SER A 91 -14.22 -21.88 -38.91
C SER A 91 -13.88 -20.39 -38.90
N LYS A 92 -13.56 -19.86 -40.07
CA LYS A 92 -13.14 -18.46 -40.12
C LYS A 92 -13.76 -17.79 -41.34
N ASP A 93 -13.72 -16.46 -41.30
CA ASP A 93 -14.11 -15.61 -42.42
C ASP A 93 -13.00 -14.57 -42.55
N THR A 94 -12.16 -14.74 -43.58
CA THR A 94 -10.95 -13.96 -43.73
C THR A 94 -11.22 -12.56 -44.26
N SER A 95 -12.31 -12.39 -45.02
CA SER A 95 -12.64 -11.07 -45.57
C SER A 95 -13.21 -10.16 -44.50
N LYS A 96 -14.02 -10.70 -43.59
CA LYS A 96 -14.63 -9.94 -42.53
C LYS A 96 -13.85 -10.00 -41.22
N ASN A 97 -12.74 -10.76 -41.19
CA ASN A 97 -11.90 -10.91 -40.00
C ASN A 97 -12.69 -11.43 -38.81
N HIS A 98 -13.28 -12.62 -38.99
CA HIS A 98 -14.10 -13.22 -37.95
C HIS A 98 -13.72 -14.67 -37.75
N ILE A 99 -13.83 -15.12 -36.50
CA ILE A 99 -13.61 -16.51 -36.12
C ILE A 99 -14.91 -17.02 -35.50
N PHE A 100 -15.28 -18.25 -35.80
CA PHE A 100 -16.53 -18.82 -35.32
C PHE A 100 -16.27 -20.13 -34.60
N LEU A 101 -16.93 -20.27 -33.44
CA LEU A 101 -16.81 -21.46 -32.60
C LEU A 101 -18.21 -21.98 -32.29
N LYS A 102 -18.40 -23.29 -32.39
CA LYS A 102 -19.67 -23.95 -32.12
C LYS A 102 -19.44 -25.15 -31.22
N ILE A 103 -20.23 -25.25 -30.15
CA ILE A 103 -20.22 -26.41 -29.26
C ILE A 103 -21.63 -26.97 -29.21
N ALA A 104 -21.79 -28.23 -29.56
CA ALA A 104 -23.10 -28.84 -29.57
C ALA A 104 -23.40 -29.51 -28.24
N ASN A 105 -24.68 -29.53 -27.87
CA ASN A 105 -25.17 -30.18 -26.65
C ASN A 105 -24.46 -29.61 -25.42
N VAL A 106 -24.80 -28.36 -25.10
CA VAL A 106 -24.15 -27.68 -23.98
C VAL A 106 -24.55 -28.35 -22.67
N ASP A 107 -23.70 -28.17 -21.67
CA ASP A 107 -23.86 -28.79 -20.36
C ASP A 107 -23.45 -27.76 -19.32
N THR A 108 -23.85 -28.00 -18.07
CA THR A 108 -23.40 -27.12 -16.98
C THR A 108 -21.88 -27.11 -16.86
N ALA A 109 -21.20 -28.15 -17.35
CA ALA A 109 -19.74 -28.14 -17.42
C ALA A 109 -19.22 -27.27 -18.55
N ASP A 110 -20.09 -26.76 -19.41
CA ASP A 110 -19.70 -25.79 -20.43
C ASP A 110 -19.92 -24.35 -19.97
N THR A 111 -20.42 -24.15 -18.74
CA THR A 111 -20.46 -22.82 -18.16
C THR A 111 -19.03 -22.32 -17.94
N ALA A 112 -18.68 -21.21 -18.56
CA ALA A 112 -17.29 -20.76 -18.51
C ALA A 112 -17.18 -19.38 -19.14
N THR A 113 -16.01 -18.77 -18.95
CA THR A 113 -15.63 -17.58 -19.70
C THR A 113 -14.78 -18.02 -20.88
N TYR A 114 -15.15 -17.58 -22.07
CA TYR A 114 -14.51 -17.99 -23.30
C TYR A 114 -13.67 -16.85 -23.86
N TYR A 115 -12.43 -17.16 -24.21
CA TYR A 115 -11.47 -16.21 -24.77
C TYR A 115 -11.05 -16.68 -26.16
N CYS A 116 -10.93 -15.73 -27.08
CA CYS A 116 -10.22 -15.95 -28.33
C CYS A 116 -8.85 -15.29 -28.22
N ALA A 117 -7.85 -15.91 -28.83
CA ALA A 117 -6.47 -15.47 -28.66
C ALA A 117 -5.70 -15.70 -29.94
N ARG A 118 -4.97 -14.68 -30.38
CA ARG A 118 -4.12 -14.80 -31.55
C ARG A 118 -2.93 -15.71 -31.26
N ILE A 119 -2.58 -16.55 -32.23
CA ILE A 119 -1.43 -17.43 -32.11
C ILE A 119 -0.54 -17.22 -33.34
N PHE A 120 0.72 -16.88 -33.09
CA PHE A 120 1.68 -16.51 -34.11
C PHE A 120 2.69 -17.64 -34.24
N ALA A 121 2.70 -18.30 -35.41
CA ALA A 121 3.62 -19.41 -35.66
C ALA A 121 4.87 -18.86 -36.36
N ASN A 122 5.93 -18.66 -35.58
CA ASN A 122 7.20 -18.25 -36.15
C ASN A 122 8.25 -19.32 -35.92
N TYR A 123 9.40 -19.15 -36.55
CA TYR A 123 10.49 -20.10 -36.43
C TYR A 123 10.79 -20.37 -34.97
N GLY A 124 10.65 -21.63 -34.56
CA GLY A 124 10.90 -22.03 -33.19
C GLY A 124 9.65 -22.34 -32.39
N GLY A 125 8.48 -21.85 -32.79
CA GLY A 125 7.25 -22.22 -32.14
C GLY A 125 6.17 -21.18 -32.32
N ASP A 126 5.12 -21.32 -31.51
CA ASP A 126 3.95 -20.46 -31.54
C ASP A 126 3.91 -19.56 -30.32
N ALA A 127 3.38 -18.36 -30.50
CA ALA A 127 3.29 -17.35 -29.46
C ALA A 127 1.83 -16.94 -29.29
N MET A 128 1.29 -17.14 -28.09
CA MET A 128 -0.07 -16.69 -27.75
C MET A 128 0.01 -15.29 -27.15
N ASP A 129 0.34 -14.33 -27.99
CA ASP A 129 0.63 -12.98 -27.54
C ASP A 129 -0.62 -12.22 -27.11
N TYR A 130 -1.53 -11.91 -28.03
CA TYR A 130 -2.69 -11.09 -27.69
C TYR A 130 -3.91 -11.96 -27.39
N TRP A 131 -4.65 -11.58 -26.35
CA TRP A 131 -5.84 -12.31 -25.94
C TRP A 131 -7.02 -11.35 -25.85
N GLY A 132 -8.22 -11.87 -26.10
CA GLY A 132 -9.42 -11.09 -25.92
C GLY A 132 -9.82 -10.97 -24.46
N GLN A 133 -10.76 -10.07 -24.20
CA GLN A 133 -11.19 -9.83 -22.82
C GLN A 133 -12.06 -10.95 -22.27
N GLY A 134 -12.67 -11.74 -23.13
CA GLY A 134 -13.49 -12.86 -22.70
C GLY A 134 -14.98 -12.54 -22.77
N THR A 135 -15.77 -13.60 -22.75
CA THR A 135 -17.22 -13.49 -22.74
C THR A 135 -17.78 -14.60 -21.84
N SER A 136 -18.69 -14.24 -20.95
CA SER A 136 -19.24 -15.22 -20.02
C SER A 136 -20.38 -15.99 -20.66
N VAL A 137 -20.42 -17.29 -20.40
CA VAL A 137 -21.46 -18.18 -20.90
C VAL A 137 -21.96 -19.01 -19.73
N THR A 138 -23.26 -18.93 -19.46
CA THR A 138 -23.90 -19.65 -18.36
C THR A 138 -24.95 -20.58 -18.94
N VAL A 139 -24.84 -21.87 -18.64
CA VAL A 139 -25.74 -22.90 -19.11
C VAL A 139 -26.60 -23.34 -17.94
N SER A 140 -27.88 -22.98 -17.97
CA SER A 140 -28.78 -23.29 -16.87
C SER A 140 -30.21 -23.32 -17.39
N SER A 141 -31.01 -24.23 -16.85
CA SER A 141 -32.43 -24.35 -17.17
C SER A 141 -33.29 -23.64 -16.13
N ALA A 142 -32.87 -22.44 -15.72
CA ALA A 142 -33.56 -21.66 -14.70
C ALA A 142 -34.14 -20.41 -15.31
N SER A 143 -35.20 -19.90 -14.68
CA SER A 143 -35.88 -18.70 -15.14
C SER A 143 -35.43 -17.49 -14.34
N THR A 144 -35.61 -16.32 -14.93
CA THR A 144 -35.25 -15.07 -14.26
C THR A 144 -36.04 -14.92 -12.97
N THR A 145 -35.33 -14.65 -11.87
CA THR A 145 -35.90 -14.65 -10.53
C THR A 145 -35.41 -13.40 -9.80
N PRO A 146 -36.30 -12.66 -9.15
CA PRO A 146 -35.88 -11.45 -8.43
C PRO A 146 -35.21 -11.80 -7.11
N PRO A 147 -34.30 -10.96 -6.64
CA PRO A 147 -33.60 -11.25 -5.39
C PRO A 147 -34.47 -10.95 -4.18
N SER A 148 -34.35 -11.80 -3.17
CA SER A 148 -34.97 -11.57 -1.87
C SER A 148 -33.93 -10.93 -0.97
N VAL A 149 -34.25 -9.75 -0.44
CA VAL A 149 -33.30 -8.92 0.29
C VAL A 149 -33.61 -9.04 1.78
N TYR A 150 -32.62 -9.45 2.56
CA TYR A 150 -32.78 -9.69 3.98
C TYR A 150 -31.75 -8.87 4.76
N PRO A 151 -32.17 -8.14 5.78
CA PRO A 151 -31.21 -7.32 6.53
C PRO A 151 -30.34 -8.18 7.44
N LEU A 152 -29.14 -7.68 7.73
CA LEU A 152 -28.20 -8.36 8.60
C LEU A 152 -27.73 -7.37 9.64
N ALA A 153 -28.09 -7.62 10.89
CA ALA A 153 -27.78 -6.73 12.00
C ALA A 153 -27.51 -7.58 13.21
N PRO A 154 -26.67 -7.11 14.14
CA PRO A 154 -26.38 -7.92 15.32
C PRO A 154 -27.56 -7.99 16.26
N VAL A 155 -27.80 -9.18 16.81
CA VAL A 155 -28.90 -9.40 17.74
C VAL A 155 -28.38 -9.45 19.17
N THR A 156 -17.98 -3.15 22.06
CA THR A 156 -16.75 -2.40 22.27
C THR A 156 -16.44 -1.48 21.10
N GLY A 157 -16.92 -1.84 19.92
CA GLY A 157 -16.64 -1.07 18.73
C GLY A 157 -17.49 0.19 18.62
N SER A 158 -16.84 1.35 18.67
CA SER A 158 -17.55 2.60 18.40
C SER A 158 -18.17 2.58 17.01
N SER A 159 -17.54 1.87 16.07
CA SER A 159 -18.13 1.58 14.78
C SER A 159 -18.89 0.26 14.84
N VAL A 160 -19.87 0.14 13.95
CA VAL A 160 -20.69 -1.05 13.84
C VAL A 160 -20.72 -1.49 12.38
N THR A 161 -20.60 -2.80 12.18
CA THR A 161 -20.65 -3.43 10.85
C THR A 161 -22.06 -3.95 10.61
N LEU A 162 -22.61 -3.64 9.44
CA LEU A 162 -24.01 -3.85 9.13
C LEU A 162 -24.13 -4.43 7.73
N GLY A 163 -24.94 -5.47 7.57
CA GLY A 163 -24.99 -6.17 6.30
C GLY A 163 -26.33 -6.23 5.60
N CYS A 164 -26.28 -6.59 4.32
CA CYS A 164 -27.46 -6.68 3.47
C CYS A 164 -27.30 -7.90 2.58
N LEU A 165 -28.19 -8.89 2.73
CA LEU A 165 -28.09 -10.16 2.04
C LEU A 165 -29.04 -10.17 0.85
N VAL A 166 -28.52 -10.52 -0.32
CA VAL A 166 -29.30 -10.68 -1.53
C VAL A 166 -29.28 -12.18 -1.87
N LYS A 167 -30.43 -12.83 -1.77
CA LYS A 167 -30.51 -14.28 -1.88
C LYS A 167 -31.46 -14.68 -3.01
N GLY A 168 -31.10 -15.74 -3.73
CA GLY A 168 -32.02 -16.39 -4.64
C GLY A 168 -32.41 -15.56 -5.85
N TYR A 169 -31.44 -15.11 -6.64
CA TYR A 169 -31.74 -14.41 -7.88
C TYR A 169 -31.06 -15.12 -9.05
N PHE A 170 -31.43 -14.67 -10.25
CA PHE A 170 -30.92 -15.18 -11.51
C PHE A 170 -31.33 -14.19 -12.60
N PRO A 171 -30.38 -13.75 -13.44
CA PRO A 171 -28.94 -14.01 -13.38
C PRO A 171 -28.14 -12.84 -12.82
N GLU A 172 -26.81 -12.84 -13.01
CA GLU A 172 -25.99 -11.72 -12.57
C GLU A 172 -26.24 -10.51 -13.47
N PRO A 173 -25.94 -9.30 -12.96
CA PRO A 173 -25.49 -8.99 -11.61
C PRO A 173 -26.53 -8.24 -10.80
N VAL A 174 -26.23 -7.94 -9.56
CA VAL A 174 -26.98 -6.95 -8.80
C VAL A 174 -26.07 -5.75 -8.56
N THR A 175 -26.68 -4.58 -8.43
CA THR A 175 -25.96 -3.40 -7.97
C THR A 175 -26.51 -3.01 -6.61
N LEU A 176 -25.59 -2.82 -5.66
CA LEU A 176 -25.92 -2.60 -4.26
C LEU A 176 -25.33 -1.28 -3.81
N THR A 177 -26.18 -0.38 -3.33
CA THR A 177 -25.74 0.90 -2.79
C THR A 177 -26.34 1.11 -1.41
N TRP A 178 -25.80 2.10 -0.70
CA TRP A 178 -26.30 2.49 0.62
C TRP A 178 -26.64 3.97 0.61
N ASN A 179 -27.80 4.30 1.16
CA ASN A 179 -28.32 5.68 1.16
C ASN A 179 -28.41 6.23 -0.26
N SER A 180 -28.90 5.40 -1.18
CA SER A 180 -29.01 5.74 -2.60
C SER A 180 -27.66 6.19 -3.17
N GLY A 181 -26.58 5.62 -2.64
CA GLY A 181 -25.24 5.96 -3.06
C GLY A 181 -24.56 7.04 -2.23
N SER A 182 -25.32 7.79 -1.44
CA SER A 182 -24.71 8.86 -0.65
C SER A 182 -23.82 8.32 0.46
N LEU A 183 -24.08 7.10 0.92
CA LEU A 183 -23.23 6.43 1.91
C LEU A 183 -22.37 5.42 1.16
N SER A 184 -21.08 5.75 0.99
CA SER A 184 -20.19 4.92 0.20
C SER A 184 -18.85 4.64 0.86
N SER A 185 -18.61 5.16 2.06
CA SER A 185 -17.34 4.93 2.75
C SER A 185 -17.39 3.62 3.51
N GLY A 186 -16.33 2.82 3.37
CA GLY A 186 -16.22 1.57 4.08
C GLY A 186 -17.24 0.52 3.70
N VAL A 187 -17.50 0.36 2.41
CA VAL A 187 -18.47 -0.62 1.90
C VAL A 187 -17.72 -1.73 1.19
N HIS A 188 -18.20 -2.96 1.36
CA HIS A 188 -17.65 -4.14 0.72
C HIS A 188 -18.79 -4.96 0.13
N THR A 189 -18.76 -5.20 -1.17
CA THR A 189 -19.72 -6.07 -1.83
C THR A 189 -19.03 -7.38 -2.17
N PHE A 190 -19.59 -8.48 -1.68
CA PHE A 190 -18.94 -9.77 -1.70
C PHE A 190 -19.36 -10.58 -2.93
N PRO A 191 -18.48 -11.44 -3.44
CA PRO A 191 -18.84 -12.24 -4.61
C PRO A 191 -19.94 -13.24 -4.29
N ALA A 192 -20.59 -13.71 -5.34
CA ALA A 192 -21.75 -14.58 -5.21
C ALA A 192 -21.36 -16.04 -5.28
N VAL A 193 -22.31 -16.91 -4.96
CA VAL A 193 -22.12 -18.36 -4.97
C VAL A 193 -23.28 -19.02 -5.69
N LEU A 194 -23.00 -20.17 -6.27
CA LEU A 194 -24.03 -21.02 -6.86
C LEU A 194 -24.58 -21.94 -5.77
N GLN A 195 -25.84 -21.76 -5.40
CA GLN A 195 -26.50 -22.68 -4.48
C GLN A 195 -27.69 -23.29 -5.21
N SER A 196 -27.40 -24.37 -5.94
CA SER A 196 -28.38 -25.12 -6.74
C SER A 196 -29.17 -24.21 -7.67
N ASP A 197 -28.45 -23.65 -8.63
CA ASP A 197 -28.95 -22.83 -9.74
C ASP A 197 -29.44 -21.44 -9.32
N LEU A 198 -29.14 -20.99 -8.11
CA LEU A 198 -29.51 -19.65 -7.67
C LEU A 198 -28.30 -18.89 -7.17
N TYR A 199 -28.34 -17.56 -7.37
CA TYR A 199 -27.26 -16.65 -7.03
C TYR A 199 -27.50 -16.06 -5.65
N THR A 200 -26.43 -15.87 -4.88
CA THR A 200 -26.53 -15.34 -3.53
C THR A 200 -25.27 -14.58 -3.18
N LEU A 201 -25.42 -13.31 -2.78
CA LEU A 201 -24.29 -12.53 -2.30
C LEU A 201 -24.75 -11.63 -1.16
N SER A 202 -23.83 -10.80 -0.68
CA SER A 202 -24.13 -9.88 0.41
C SER A 202 -23.18 -8.69 0.32
N SER A 203 -23.55 -7.62 1.02
CA SER A 203 -22.72 -6.42 1.08
C SER A 203 -22.79 -5.81 2.47
N SER A 204 -21.63 -5.42 3.00
CA SER A 204 -21.52 -4.88 4.34
C SER A 204 -21.00 -3.46 4.30
N VAL A 205 -21.32 -2.71 5.35
CA VAL A 205 -20.91 -1.32 5.49
C VAL A 205 -20.69 -1.04 6.97
N THR A 206 -19.71 -0.20 7.27
CA THR A 206 -19.38 0.16 8.64
C THR A 206 -19.73 1.61 8.87
N VAL A 207 -20.60 1.86 9.86
CA VAL A 207 -20.86 3.23 10.28
C VAL A 207 -20.34 3.37 11.70
N THR A 208 -20.48 4.55 12.29
CA THR A 208 -20.18 4.72 13.70
C THR A 208 -21.48 4.54 14.48
N SER A 209 -21.42 3.74 15.55
CA SER A 209 -22.62 3.30 16.26
C SER A 209 -23.50 4.44 16.73
N SER A 210 -23.04 5.69 16.66
CA SER A 210 -23.91 6.82 17.02
C SER A 210 -24.78 7.25 15.84
N THR A 211 -24.34 7.00 14.60
CA THR A 211 -25.14 7.38 13.44
C THR A 211 -26.38 6.52 13.32
N TRP A 212 -26.28 5.23 13.66
CA TRP A 212 -27.35 4.28 13.51
C TRP A 212 -27.73 3.71 14.88
N PRO A 213 -29.02 3.62 15.21
CA PRO A 213 -30.21 3.86 14.38
C PRO A 213 -30.70 5.31 14.41
N SER A 214 -29.85 6.29 14.72
CA SER A 214 -30.31 7.67 14.75
C SER A 214 -30.53 8.21 13.34
N GLN A 215 -29.72 7.77 12.38
CA GLN A 215 -29.87 8.19 10.99
C GLN A 215 -30.29 6.99 10.15
N SER A 216 -31.20 7.25 9.20
CA SER A 216 -31.71 6.18 8.36
C SER A 216 -30.67 5.73 7.36
N ILE A 217 -30.60 4.42 7.14
CA ILE A 217 -29.73 3.80 6.16
C ILE A 217 -30.56 2.84 5.31
N THR A 218 -30.60 3.06 4.01
CA THR A 218 -31.38 2.23 3.09
C THR A 218 -30.45 1.43 2.19
N CYS A 219 -30.59 0.10 2.24
CA CYS A 219 -29.92 -0.77 1.30
C CYS A 219 -30.67 -0.78 -0.02
N ASN A 220 -29.95 -0.55 -1.11
CA ASN A 220 -30.51 -0.41 -2.45
C ASN A 220 -30.04 -1.58 -3.30
N VAL A 221 -30.97 -2.44 -3.69
CA VAL A 221 -30.68 -3.60 -4.52
C VAL A 221 -31.34 -3.38 -5.88
N ALA A 222 -30.56 -3.48 -6.95
CA ALA A 222 -31.08 -3.36 -8.30
C ALA A 222 -30.72 -4.62 -9.09
N HIS A 223 -31.75 -5.28 -9.63
CA HIS A 223 -31.62 -6.43 -10.52
C HIS A 223 -32.09 -6.02 -11.92
N PRO A 224 -31.20 -5.95 -12.90
CA PRO A 224 -31.59 -5.38 -14.20
C PRO A 224 -32.31 -6.36 -15.11
N ALA A 225 -31.93 -7.65 -15.05
CA ALA A 225 -32.57 -8.65 -15.90
C ALA A 225 -34.05 -8.79 -15.55
N SER A 226 -34.37 -8.75 -14.26
CA SER A 226 -35.77 -8.73 -13.83
C SER A 226 -36.30 -7.33 -13.62
N SER A 227 -35.43 -6.31 -13.71
CA SER A 227 -35.82 -4.91 -13.56
C SER A 227 -36.54 -4.66 -12.24
N THR A 228 -36.03 -5.26 -11.17
CA THR A 228 -36.61 -5.12 -9.84
CA THR A 228 -36.61 -5.12 -9.84
C THR A 228 -35.67 -4.28 -8.97
N LYS A 229 -36.22 -3.21 -8.39
CA LYS A 229 -35.48 -2.31 -7.50
C LYS A 229 -36.13 -2.38 -6.13
N VAL A 230 -35.35 -2.76 -5.13
CA VAL A 230 -35.88 -2.96 -3.79
C VAL A 230 -34.99 -2.26 -2.77
N ASP A 231 -35.64 -1.54 -1.85
CA ASP A 231 -34.96 -0.83 -0.78
C ASP A 231 -35.32 -1.46 0.56
N LYS A 232 -34.31 -1.79 1.35
CA LYS A 232 -34.47 -2.37 2.68
C LYS A 232 -33.89 -1.42 3.72
N LYS A 233 -34.75 -0.89 4.59
CA LYS A 233 -34.28 -0.03 5.66
C LYS A 233 -33.71 -0.89 6.78
N ILE A 234 -32.44 -0.66 7.13
CA ILE A 234 -31.78 -1.50 8.10
C ILE A 234 -32.25 -1.14 9.50
N ASP A 235 -32.41 -2.16 10.34
CA ASP A 235 -33.05 -2.05 11.64
C ASP A 235 -32.35 -2.96 12.63
N PRO A 236 -32.08 -2.47 13.84
CA PRO A 236 -31.47 -3.34 14.87
C PRO A 236 -32.46 -4.38 15.36
N ALA A 237 -31.93 -5.36 16.10
CA ALA A 237 -32.75 -6.45 16.60
C ALA A 237 -33.75 -5.96 17.63
N GLY A 238 -34.96 -6.49 17.57
CA GLY A 238 -36.03 -6.09 18.48
C GLY A 238 -35.91 -6.69 19.87
N GLN B 20 -5.40 -38.61 -21.58
CA GLN B 20 -4.63 -38.07 -22.69
C GLN B 20 -3.78 -36.87 -22.27
N ALA B 21 -2.67 -37.16 -21.59
CA ALA B 21 -1.63 -36.18 -21.25
C ALA B 21 -2.13 -35.11 -20.30
N VAL B 22 -1.55 -35.07 -19.09
CA VAL B 22 -1.85 -34.03 -18.10
C VAL B 22 -0.59 -33.24 -17.84
N VAL B 23 -0.76 -31.94 -17.63
CA VAL B 23 0.35 -31.02 -17.40
C VAL B 23 0.19 -30.45 -16.00
N THR B 24 1.22 -30.60 -15.18
CA THR B 24 1.18 -30.20 -13.78
C THR B 24 2.20 -29.11 -13.52
N GLN B 25 1.78 -28.11 -12.74
CA GLN B 25 2.68 -27.08 -12.23
C GLN B 25 2.36 -26.83 -10.76
N GLU B 26 3.29 -26.18 -10.07
CA GLU B 26 3.12 -25.93 -8.65
C GLU B 26 1.90 -25.06 -8.40
N SER B 27 1.19 -25.33 -7.30
CA SER B 27 -0.05 -24.61 -7.03
C SER B 27 0.20 -23.14 -6.72
N ALA B 28 1.21 -22.85 -5.90
CA ALA B 28 1.45 -21.47 -5.48
C ALA B 28 2.91 -21.28 -5.09
N LEU B 29 3.38 -20.04 -5.22
CA LEU B 29 4.72 -19.64 -4.81
C LEU B 29 4.66 -18.22 -4.27
N THR B 30 5.47 -17.94 -3.26
CA THR B 30 5.46 -16.67 -2.56
C THR B 30 6.88 -16.13 -2.44
N THR B 31 7.07 -14.85 -2.75
CA THR B 31 8.38 -14.23 -2.67
C THR B 31 8.22 -12.76 -2.31
N SER B 32 9.30 -12.18 -1.81
CA SER B 32 9.37 -10.76 -1.57
C SER B 32 9.74 -10.02 -2.85
N PRO B 33 9.39 -8.73 -2.97
CA PRO B 33 9.67 -7.99 -4.20
C PRO B 33 11.15 -7.88 -4.53
N GLY B 34 11.58 -8.60 -5.57
CA GLY B 34 12.97 -8.66 -5.98
C GLY B 34 13.59 -10.03 -5.88
N GLY B 35 12.85 -11.02 -5.36
CA GLY B 35 13.34 -12.38 -5.33
C GLY B 35 13.18 -13.07 -6.66
N THR B 36 14.12 -13.97 -6.94
CA THR B 36 14.05 -14.79 -8.14
C THR B 36 13.13 -15.97 -7.88
N VAL B 37 12.18 -16.19 -8.80
CA VAL B 37 11.24 -17.31 -8.70
C VAL B 37 11.39 -18.16 -9.95
N ILE B 38 11.32 -19.48 -9.77
CA ILE B 38 11.42 -20.42 -10.88
C ILE B 38 10.15 -21.26 -10.89
N LEU B 39 9.25 -20.94 -11.81
CA LEU B 39 8.07 -21.75 -12.07
C LEU B 39 8.43 -22.84 -13.07
N THR B 40 7.74 -23.98 -12.98
CA THR B 40 8.06 -25.12 -13.83
C THR B 40 6.79 -25.79 -14.34
N CYS B 41 6.98 -26.55 -15.43
CA CYS B 41 5.90 -27.17 -16.18
C CYS B 41 6.30 -28.60 -16.49
N ARG B 42 5.44 -29.53 -16.08
CA ARG B 42 5.71 -30.96 -16.05
C ARG B 42 4.73 -31.70 -16.95
N SER B 43 5.20 -32.77 -17.59
CA SER B 43 4.37 -33.56 -18.49
C SER B 43 4.32 -35.01 -18.02
N SER B 44 3.12 -35.61 -18.09
CA SER B 44 2.95 -37.00 -17.69
C SER B 44 3.48 -37.97 -18.73
N THR B 45 3.42 -37.59 -20.01
CA THR B 45 3.88 -38.49 -21.06
C THR B 45 5.38 -38.72 -21.02
N GLY B 46 6.13 -37.85 -20.36
CA GLY B 46 7.57 -38.00 -20.30
C GLY B 46 8.31 -36.67 -20.41
N ALA B 47 9.50 -36.72 -20.98
CA ALA B 47 10.34 -35.54 -21.08
C ALA B 47 9.70 -34.47 -21.94
N VAL B 48 9.78 -33.22 -21.50
CA VAL B 48 9.34 -32.08 -22.27
C VAL B 48 10.49 -31.64 -23.16
N THR B 49 10.26 -31.60 -24.46
CA THR B 49 11.26 -31.20 -25.43
C THR B 49 10.84 -29.90 -26.12
N THR B 50 11.73 -29.38 -26.96
CA THR B 50 11.38 -28.23 -27.78
C THR B 50 10.16 -28.53 -28.64
N SER B 51 9.96 -29.80 -28.99
CA SER B 51 8.81 -30.24 -29.76
C SER B 51 7.50 -30.17 -28.99
N ASN B 52 7.53 -29.76 -27.72
CA ASN B 52 6.33 -29.49 -26.97
C ASN B 52 5.93 -28.01 -27.01
N TYR B 53 6.79 -27.16 -27.58
CA TYR B 53 6.51 -25.75 -27.83
C TYR B 53 5.85 -25.09 -26.61
N ALA B 54 6.60 -25.09 -25.51
CA ALA B 54 6.10 -24.57 -24.25
C ALA B 54 5.65 -23.12 -24.40
N ASN B 55 4.48 -22.81 -23.86
CA ASN B 55 3.97 -21.45 -23.81
C ASN B 55 3.69 -21.06 -22.37
N TRP B 56 4.06 -19.83 -22.01
CA TRP B 56 3.80 -19.28 -20.70
C TRP B 56 2.94 -18.03 -20.86
N VAL B 57 1.79 -18.03 -20.20
CA VAL B 57 0.79 -16.98 -20.28
C VAL B 57 0.45 -16.54 -18.86
N GLN B 58 0.13 -15.24 -18.70
CA GLN B 58 -0.06 -14.65 -17.39
C GLN B 58 -1.39 -13.93 -17.29
N LYS B 59 -2.07 -14.11 -16.15
CA LYS B 59 -3.36 -13.48 -15.85
C LYS B 59 -3.24 -12.71 -14.53
N LYS B 60 -3.38 -11.35 -14.62
CA LYS B 60 -3.60 -10.48 -13.47
C LYS B 60 -5.09 -10.30 -13.24
N PRO B 61 -5.50 -9.99 -12.01
CA PRO B 61 -6.91 -9.65 -11.78
C PRO B 61 -7.26 -8.34 -12.46
N ASP B 62 -8.44 -8.31 -13.07
CA ASP B 62 -8.97 -7.16 -13.80
C ASP B 62 -8.10 -6.76 -14.99
N HIS B 63 -7.19 -7.63 -15.42
CA HIS B 63 -6.37 -7.42 -16.60
C HIS B 63 -6.67 -8.50 -17.63
N LEU B 64 -6.13 -8.31 -18.83
CA LEU B 64 -6.25 -9.31 -19.88
C LEU B 64 -5.24 -10.43 -19.64
N PHE B 65 -5.41 -11.51 -20.40
CA PHE B 65 -4.36 -12.50 -20.49
C PHE B 65 -3.20 -11.92 -21.29
N THR B 66 -1.98 -12.22 -20.86
CA THR B 66 -0.79 -11.73 -21.55
C THR B 66 0.17 -12.89 -21.79
N GLY B 67 0.48 -13.14 -23.06
CA GLY B 67 1.48 -14.15 -23.38
C GLY B 67 2.86 -13.68 -22.98
N LEU B 68 3.60 -14.54 -22.30
CA LEU B 68 4.98 -14.23 -21.91
C LEU B 68 6.01 -14.93 -22.77
N ILE B 69 5.92 -16.26 -22.90
CA ILE B 69 6.92 -17.03 -23.64
C ILE B 69 6.21 -17.92 -24.65
N GLY B 70 6.76 -17.96 -25.87
CA GLY B 70 6.36 -18.94 -26.86
C GLY B 70 7.56 -19.76 -27.30
N GLY B 71 7.31 -20.96 -27.83
CA GLY B 71 8.38 -21.81 -28.32
C GLY B 71 9.49 -22.05 -27.33
N THR B 72 9.13 -22.48 -26.11
CA THR B 72 10.06 -22.82 -25.04
C THR B 72 10.79 -21.61 -24.47
N SER B 73 11.52 -20.87 -25.31
CA SER B 73 12.32 -19.75 -24.84
C SER B 73 12.08 -18.44 -25.58
N ASN B 74 11.45 -18.45 -26.74
CA ASN B 74 11.22 -17.22 -27.50
C ASN B 74 10.28 -16.32 -26.72
N ARG B 75 10.79 -15.16 -26.29
CA ARG B 75 10.02 -14.24 -25.48
C ARG B 75 9.15 -13.34 -26.34
N VAL B 76 7.90 -13.15 -25.91
CA VAL B 76 6.97 -12.27 -26.61
C VAL B 76 7.44 -10.83 -26.49
N SER B 77 7.35 -10.08 -27.59
CA SER B 77 7.81 -8.70 -27.61
C SER B 77 7.01 -7.85 -26.63
N GLY B 78 7.73 -7.04 -25.86
CA GLY B 78 7.12 -6.05 -24.99
C GLY B 78 7.06 -6.40 -23.51
N VAL B 79 7.39 -7.63 -23.14
CA VAL B 79 7.31 -8.04 -21.74
C VAL B 79 8.65 -7.78 -21.08
N PRO B 80 8.69 -7.50 -19.77
CA PRO B 80 9.93 -7.03 -19.13
C PRO B 80 11.07 -8.02 -19.23
N VAL B 81 12.27 -7.54 -18.89
CA VAL B 81 13.48 -8.33 -19.07
C VAL B 81 13.61 -9.43 -18.02
N ARG B 82 12.86 -9.36 -16.92
CA ARG B 82 13.01 -10.34 -15.86
C ARG B 82 12.48 -11.71 -16.27
N PHE B 83 11.54 -11.78 -17.21
CA PHE B 83 10.93 -13.05 -17.59
C PHE B 83 11.82 -13.79 -18.58
N SER B 84 12.05 -15.08 -18.32
CA SER B 84 12.85 -15.91 -19.21
C SER B 84 12.28 -17.32 -19.22
N GLY B 85 12.40 -17.98 -20.37
CA GLY B 85 11.93 -19.35 -20.53
C GLY B 85 13.06 -20.28 -20.92
N SER B 86 13.02 -21.50 -20.40
CA SER B 86 14.09 -22.45 -20.66
C SER B 86 13.59 -23.86 -20.37
N LEU B 87 14.48 -24.84 -20.53
CA LEU B 87 14.22 -26.24 -20.21
C LEU B 87 15.16 -26.65 -19.10
N ILE B 88 14.61 -26.91 -17.92
CA ILE B 88 15.38 -27.45 -16.80
C ILE B 88 15.19 -28.96 -16.82
N GLY B 89 16.26 -29.68 -17.12
CA GLY B 89 16.18 -31.13 -17.18
C GLY B 89 15.18 -31.57 -18.22
N ASP B 90 14.17 -32.33 -17.78
CA ASP B 90 13.12 -32.82 -18.67
C ASP B 90 11.81 -32.07 -18.51
N LYS B 91 11.83 -30.85 -17.96
CA LYS B 91 10.60 -30.10 -17.83
C LYS B 91 10.85 -28.61 -18.07
N ALA B 92 9.81 -27.91 -18.50
CA ALA B 92 9.94 -26.53 -18.94
C ALA B 92 9.95 -25.61 -17.73
N ALA B 93 10.47 -24.40 -17.92
CA ALA B 93 10.64 -23.51 -16.78
C ALA B 93 10.55 -22.06 -17.21
N LEU B 94 9.99 -21.25 -16.32
CA LEU B 94 9.91 -19.80 -16.46
C LEU B 94 10.54 -19.17 -15.23
N THR B 95 11.62 -18.41 -15.43
CA THR B 95 12.33 -17.74 -14.36
C THR B 95 11.98 -16.25 -14.37
N ILE B 96 11.62 -15.74 -13.20
CA ILE B 96 11.39 -14.32 -12.99
C ILE B 96 12.50 -13.85 -12.06
N THR B 97 13.48 -13.13 -12.62
CA THR B 97 14.64 -12.67 -11.86
C THR B 97 14.38 -11.25 -11.39
N GLY B 98 14.27 -11.07 -10.09
CA GLY B 98 13.92 -9.77 -9.55
C GLY B 98 12.45 -9.45 -9.76
N ALA B 99 11.58 -10.21 -9.10
CA ALA B 99 10.15 -10.03 -9.25
C ALA B 99 9.73 -8.67 -8.70
N GLN B 100 8.65 -8.14 -9.28
CA GLN B 100 8.13 -6.83 -8.89
C GLN B 100 6.74 -6.97 -8.31
N THR B 101 6.23 -5.87 -7.75
CA THR B 101 4.94 -5.89 -7.08
C THR B 101 3.78 -6.14 -8.04
N GLU B 102 3.98 -5.92 -9.34
CA GLU B 102 2.94 -6.15 -10.33
C GLU B 102 2.93 -7.57 -10.87
N ASP B 103 3.98 -8.36 -10.61
CA ASP B 103 4.05 -9.73 -11.08
C ASP B 103 3.19 -10.69 -10.26
N ASP B 104 2.51 -10.19 -9.23
CA ASP B 104 1.56 -11.01 -8.45
C ASP B 104 0.41 -11.42 -9.35
N ALA B 105 0.34 -12.69 -9.73
CA ALA B 105 -0.63 -13.11 -10.73
C ALA B 105 -0.62 -14.62 -10.87
N MET B 106 -1.46 -15.13 -11.76
CA MET B 106 -1.51 -16.54 -12.08
C MET B 106 -0.75 -16.79 -13.39
N TYR B 107 0.08 -17.83 -13.39
CA TYR B 107 0.91 -18.15 -14.54
C TYR B 107 0.57 -19.57 -15.01
N PHE B 108 0.08 -19.67 -16.24
CA PHE B 108 -0.26 -20.95 -16.85
C PHE B 108 0.74 -21.32 -17.92
N CYS B 109 0.96 -22.61 -18.07
CA CYS B 109 1.85 -23.16 -19.08
C CYS B 109 1.06 -24.11 -19.97
N ALA B 110 1.40 -24.12 -21.26
CA ALA B 110 0.70 -24.92 -22.25
C ALA B 110 1.73 -25.69 -23.09
N LEU B 111 1.48 -26.98 -23.29
CA LEU B 111 2.36 -27.84 -24.04
C LEU B 111 1.65 -28.43 -25.25
N TRP B 112 2.39 -28.58 -26.34
CA TRP B 112 1.85 -29.13 -27.58
C TRP B 112 2.04 -30.65 -27.59
N PHE B 113 0.97 -31.37 -27.89
CA PHE B 113 0.97 -32.82 -27.94
C PHE B 113 0.48 -33.27 -29.30
N SER B 114 1.24 -32.94 -30.35
CA SER B 114 1.00 -33.38 -31.72
C SER B 114 -0.28 -32.78 -32.31
N THR B 115 -1.41 -32.91 -31.63
CA THR B 115 -2.68 -32.48 -32.19
C THR B 115 -3.41 -31.46 -31.32
N HIS B 116 -2.90 -31.13 -30.14
CA HIS B 116 -3.63 -30.25 -29.25
C HIS B 116 -2.68 -29.65 -28.22
N TYR B 117 -3.15 -28.56 -27.60
CA TYR B 117 -2.46 -27.90 -26.51
C TYR B 117 -3.11 -28.30 -25.20
N VAL B 118 -2.29 -28.55 -24.19
CA VAL B 118 -2.78 -28.83 -22.84
C VAL B 118 -2.22 -27.77 -21.90
N PHE B 119 -3.11 -27.16 -21.12
CA PHE B 119 -2.73 -26.16 -20.14
C PHE B 119 -2.51 -26.81 -18.78
N GLY B 120 -1.61 -26.22 -18.00
CA GLY B 120 -1.43 -26.65 -16.63
C GLY B 120 -2.52 -26.10 -15.72
N GLY B 121 -2.44 -26.49 -14.46
CA GLY B 121 -3.37 -25.96 -13.47
C GLY B 121 -3.12 -24.53 -13.09
N GLY B 122 -1.93 -24.01 -13.38
CA GLY B 122 -1.62 -22.64 -13.05
C GLY B 122 -0.92 -22.51 -11.71
N THR B 123 -0.04 -21.52 -11.62
CA THR B 123 0.69 -21.22 -10.40
C THR B 123 0.35 -19.81 -9.95
N LYS B 124 -0.06 -19.68 -8.69
CA LYS B 124 -0.38 -18.38 -8.10
C LYS B 124 0.89 -17.82 -7.49
N VAL B 125 1.53 -16.88 -8.19
CA VAL B 125 2.76 -16.26 -7.69
C VAL B 125 2.35 -15.02 -6.91
N THR B 126 2.60 -15.07 -5.60
CA THR B 126 2.26 -14.00 -4.68
C THR B 126 3.52 -13.23 -4.32
N VAL B 127 3.52 -11.93 -4.60
CA VAL B 127 4.57 -11.04 -4.15
C VAL B 127 4.00 -10.19 -3.02
N LEU B 128 4.76 -10.08 -1.93
CA LEU B 128 4.26 -9.35 -0.76
C LEU B 128 4.28 -7.86 -1.05
N SER B 129 3.14 -7.21 -0.86
CA SER B 129 2.99 -5.80 -1.14
C SER B 129 2.75 -4.93 0.08
N GLN B 130 2.21 -5.49 1.16
CA GLN B 130 1.98 -4.75 2.40
C GLN B 130 2.27 -5.68 3.57
N PRO B 131 2.39 -5.12 4.77
CA PRO B 131 2.49 -6.00 5.95
C PRO B 131 1.25 -6.87 6.12
N LYS B 132 1.45 -8.05 6.68
CA LYS B 132 0.35 -8.99 6.87
C LYS B 132 -0.67 -8.41 7.83
N SER B 133 -1.93 -8.38 7.39
CA SER B 133 -3.04 -7.91 8.21
C SER B 133 -3.97 -9.09 8.52
N SER B 134 -4.28 -9.26 9.80
CA SER B 134 -5.17 -10.34 10.20
C SER B 134 -6.61 -10.03 9.78
N PRO B 135 -7.40 -11.05 9.47
CA PRO B 135 -8.73 -10.80 8.94
C PRO B 135 -9.69 -10.26 10.00
N SER B 136 -10.47 -9.27 9.61
CA SER B 136 -11.58 -8.77 10.42
C SER B 136 -12.85 -9.53 10.01
N VAL B 137 -13.49 -10.18 10.99
CA VAL B 137 -14.56 -11.13 10.74
C VAL B 137 -15.80 -10.73 11.53
N THR B 138 -16.95 -10.90 10.89
CA THR B 138 -18.26 -10.66 11.49
C THR B 138 -19.13 -11.89 11.28
N LEU B 139 -20.05 -12.12 12.20
CA LEU B 139 -21.00 -13.23 12.08
C LEU B 139 -22.41 -12.65 12.25
N PHE B 140 -23.18 -12.66 11.16
CA PHE B 140 -24.53 -12.15 11.06
C PHE B 140 -25.55 -13.28 11.12
N PRO B 141 -26.58 -13.05 11.94
CA PRO B 141 -27.50 -14.12 12.30
C PRO B 141 -28.60 -14.27 11.27
N PRO B 142 -29.34 -15.38 11.31
CA PRO B 142 -30.51 -15.53 10.43
C PRO B 142 -31.51 -14.42 10.69
N SER B 143 -31.84 -13.68 9.62
CA SER B 143 -32.75 -12.55 9.75
C SER B 143 -34.13 -13.04 10.19
N SER B 144 -34.94 -12.09 10.65
CA SER B 144 -36.28 -12.42 11.16
C SER B 144 -37.11 -13.14 10.10
N GLU B 145 -37.09 -12.63 8.86
CA GLU B 145 -37.94 -13.21 7.83
C GLU B 145 -37.44 -14.56 7.35
N GLU B 146 -36.17 -14.89 7.59
CA GLU B 146 -35.62 -16.14 7.09
C GLU B 146 -36.35 -17.34 7.69
N LEU B 147 -36.61 -17.28 9.00
CA LEU B 147 -37.21 -18.43 9.67
C LEU B 147 -38.64 -18.71 9.24
N GLU B 148 -39.33 -17.79 8.56
CA GLU B 148 -40.66 -18.12 8.08
C GLU B 148 -40.58 -19.04 6.87
N THR B 149 -39.51 -18.95 6.10
CA THR B 149 -39.31 -19.78 4.93
C THR B 149 -38.88 -21.19 5.28
N ASN B 150 -38.94 -21.55 6.57
CA ASN B 150 -38.51 -22.87 7.05
C ASN B 150 -37.06 -23.15 6.67
N LYS B 151 -36.26 -22.09 6.58
CA LYS B 151 -34.84 -22.18 6.24
C LYS B 151 -34.07 -21.22 7.15
N ALA B 152 -32.74 -21.32 7.09
CA ALA B 152 -31.89 -20.52 7.97
C ALA B 152 -30.56 -20.25 7.28
N THR B 153 -30.15 -18.98 7.26
CA THR B 153 -28.91 -18.55 6.63
C THR B 153 -28.06 -17.78 7.64
N LEU B 154 -26.85 -18.26 7.88
CA LEU B 154 -25.89 -17.63 8.78
C LEU B 154 -24.72 -17.12 7.93
N VAL B 155 -24.40 -15.83 8.07
CA VAL B 155 -23.42 -15.20 7.19
C VAL B 155 -22.15 -14.92 7.99
N CYS B 156 -21.00 -15.32 7.45
CA CYS B 156 -19.70 -15.08 8.07
C CYS B 156 -18.87 -14.26 7.10
N THR B 157 -18.63 -13.01 7.47
CA THR B 157 -18.01 -11.99 6.64
C THR B 157 -16.56 -11.79 7.03
N ILE B 158 -15.68 -11.75 6.03
CA ILE B 158 -14.23 -11.64 6.24
C ILE B 158 -13.70 -10.55 5.33
N THR B 159 -12.97 -9.59 5.92
CA THR B 159 -12.38 -8.52 5.13
C THR B 159 -11.02 -8.13 5.70
N ASP B 160 -10.25 -7.38 4.91
CA ASP B 160 -9.08 -6.65 5.41
C ASP B 160 -7.98 -7.59 5.89
N PHE B 161 -7.69 -8.64 5.12
CA PHE B 161 -6.59 -9.53 5.41
C PHE B 161 -5.60 -9.55 4.26
N TYR B 162 -4.35 -9.91 4.58
CA TYR B 162 -3.29 -10.02 3.59
C TYR B 162 -2.25 -10.98 4.14
N PRO B 163 -1.77 -11.93 3.34
CA PRO B 163 -2.12 -12.18 1.93
C PRO B 163 -3.52 -12.77 1.78
N GLY B 164 -4.00 -12.92 0.54
CA GLY B 164 -5.37 -13.30 0.32
C GLY B 164 -5.64 -14.80 0.33
N VAL B 165 -5.40 -15.45 1.47
CA VAL B 165 -5.72 -16.86 1.62
C VAL B 165 -6.19 -17.10 3.05
N VAL B 166 -7.42 -17.60 3.19
CA VAL B 166 -7.93 -18.07 4.47
C VAL B 166 -8.61 -19.42 4.27
N THR B 167 -8.83 -20.11 5.38
CA THR B 167 -9.69 -21.29 5.42
C THR B 167 -10.82 -21.04 6.42
N VAL B 168 -12.03 -21.42 6.03
CA VAL B 168 -13.22 -21.24 6.85
C VAL B 168 -13.73 -22.61 7.24
N ASP B 169 -13.91 -22.83 8.54
CA ASP B 169 -14.55 -24.02 9.07
C ASP B 169 -15.66 -23.60 10.01
N TRP B 170 -16.85 -24.14 9.77
CA TRP B 170 -17.98 -23.98 10.65
C TRP B 170 -18.04 -25.14 11.63
N LYS B 171 -18.57 -24.88 12.81
CA LYS B 171 -18.55 -25.86 13.88
C LYS B 171 -19.86 -25.76 14.67
N VAL B 172 -20.45 -26.91 14.99
CA VAL B 172 -21.68 -26.96 15.76
C VAL B 172 -21.52 -27.97 16.88
N ASP B 173 -21.52 -27.49 18.13
CA ASP B 173 -21.46 -28.33 19.33
C ASP B 173 -20.28 -29.29 19.29
N GLY B 174 -19.10 -28.73 19.03
CA GLY B 174 -17.89 -29.53 18.90
C GLY B 174 -17.74 -30.26 17.59
N THR B 175 -18.72 -30.20 16.70
CA THR B 175 -18.70 -30.98 15.47
C THR B 175 -18.60 -30.07 14.26
N PRO B 176 -17.66 -30.33 13.35
CA PRO B 176 -17.55 -29.50 12.14
C PRO B 176 -18.72 -29.74 11.22
N VAL B 177 -19.12 -28.69 10.50
CA VAL B 177 -20.29 -28.72 9.64
C VAL B 177 -19.79 -28.76 8.21
N THR B 178 -19.59 -29.97 7.69
CA THR B 178 -19.27 -30.13 6.28
C THR B 178 -20.49 -29.95 5.39
N GLN B 179 -21.68 -29.80 5.97
CA GLN B 179 -22.92 -29.65 5.22
C GLN B 179 -23.41 -28.22 5.33
N GLY B 180 -23.76 -27.63 4.19
CA GLY B 180 -24.40 -26.33 4.16
C GLY B 180 -23.47 -25.15 3.97
N MET B 181 -22.16 -25.36 3.98
CA MET B 181 -21.20 -24.28 3.75
C MET B 181 -21.22 -23.86 2.28
N GLU B 182 -20.78 -22.61 2.05
CA GLU B 182 -20.54 -22.09 0.70
C GLU B 182 -19.63 -20.87 0.88
N THR B 183 -18.35 -21.05 0.61
CA THR B 183 -17.35 -20.00 0.79
C THR B 183 -16.93 -19.44 -0.55
N THR B 184 -16.90 -18.11 -0.65
CA THR B 184 -16.45 -17.43 -1.86
C THR B 184 -14.91 -17.39 -1.89
N GLN B 185 -14.39 -17.04 -3.04
CA GLN B 185 -12.96 -16.92 -3.14
C GLN B 185 -12.51 -15.51 -2.75
N PRO B 186 -11.28 -15.35 -2.28
CA PRO B 186 -10.80 -14.02 -1.89
C PRO B 186 -10.81 -13.07 -3.08
N SER B 187 -11.40 -11.90 -2.87
CA SER B 187 -11.47 -10.85 -3.88
C SER B 187 -10.78 -9.59 -3.35
N LYS B 188 -10.32 -8.75 -4.27
CA LYS B 188 -9.56 -7.57 -3.92
C LYS B 188 -10.47 -6.35 -3.89
N GLN B 189 -10.37 -5.56 -2.82
CA GLN B 189 -11.10 -4.32 -2.69
C GLN B 189 -10.15 -3.16 -3.03
N SER B 190 -10.50 -1.94 -2.60
CA SER B 190 -9.72 -0.77 -2.97
C SER B 190 -8.43 -0.65 -2.15
N ASN B 191 -8.46 -1.02 -0.88
CA ASN B 191 -7.28 -0.87 -0.03
C ASN B 191 -6.22 -1.94 -0.29
N ASN B 192 -6.29 -2.63 -1.43
CA ASN B 192 -5.29 -3.58 -1.92
C ASN B 192 -5.19 -4.84 -1.05
N LYS B 193 -6.02 -4.99 -0.02
CA LYS B 193 -6.04 -6.21 0.77
C LYS B 193 -6.90 -7.26 0.09
N TYR B 194 -7.60 -8.09 0.86
CA TYR B 194 -8.49 -9.11 0.30
C TYR B 194 -9.75 -9.22 1.17
N MET B 195 -10.73 -9.94 0.62
CA MET B 195 -12.08 -10.02 1.18
C MET B 195 -12.76 -11.30 0.69
N ALA B 196 -13.59 -11.89 1.55
CA ALA B 196 -14.31 -13.11 1.20
C ALA B 196 -15.44 -13.34 2.19
N SER B 197 -16.35 -14.24 1.82
CA SER B 197 -17.53 -14.54 2.62
C SER B 197 -17.75 -16.04 2.69
N SER B 198 -18.51 -16.46 3.69
CA SER B 198 -18.88 -17.86 3.87
C SER B 198 -20.30 -17.93 4.40
N TYR B 199 -21.16 -18.69 3.72
CA TYR B 199 -22.56 -18.78 4.05
C TYR B 199 -22.87 -20.18 4.57
N LEU B 200 -23.78 -20.25 5.54
CA LEU B 200 -24.25 -21.52 6.08
C LEU B 200 -25.77 -21.57 5.89
N THR B 201 -26.26 -22.65 5.30
CA THR B 201 -27.67 -22.75 4.93
C THR B 201 -28.24 -24.06 5.49
N LEU B 202 -29.00 -23.95 6.56
CA LEU B 202 -29.71 -25.09 7.14
C LEU B 202 -31.22 -24.85 7.07
N THR B 203 -31.96 -25.69 7.77
CA THR B 203 -33.40 -25.50 7.96
C THR B 203 -33.65 -24.50 9.09
N ALA B 204 -34.88 -23.97 9.14
CA ALA B 204 -35.22 -23.01 10.19
C ALA B 204 -35.36 -23.67 11.55
N ARG B 205 -35.74 -24.95 11.59
CA ARG B 205 -35.76 -25.65 12.87
C ARG B 205 -34.36 -25.87 13.40
N ALA B 206 -33.34 -25.77 12.54
CA ALA B 206 -31.96 -25.99 12.96
C ALA B 206 -31.42 -24.79 13.73
N TRP B 207 -31.77 -23.57 13.32
CA TRP B 207 -31.28 -22.39 14.02
C TRP B 207 -31.79 -22.33 15.45
N GLU B 208 -32.96 -22.90 15.71
CA GLU B 208 -33.49 -22.98 17.07
C GLU B 208 -33.06 -24.24 17.79
N ARG B 209 -32.98 -25.36 17.07
CA ARG B 209 -32.62 -26.66 17.60
C ARG B 209 -31.28 -26.55 18.33
N HIS B 210 -30.18 -26.39 17.61
CA HIS B 210 -28.88 -26.36 18.24
C HIS B 210 -28.69 -25.03 18.97
N SER B 211 -27.47 -24.81 19.46
CA SER B 211 -27.17 -23.58 20.19
C SER B 211 -25.75 -23.14 19.92
N SER B 212 -24.89 -24.10 19.58
CA SER B 212 -23.48 -23.85 19.33
C SER B 212 -23.29 -23.65 17.83
N TYR B 213 -22.91 -22.44 17.44
CA TYR B 213 -22.64 -22.12 16.04
C TYR B 213 -21.39 -21.25 15.99
N SER B 214 -20.29 -21.83 15.51
CA SER B 214 -18.96 -21.26 15.60
C SER B 214 -18.40 -21.09 14.19
N CYS B 215 -17.81 -19.93 13.92
CA CYS B 215 -17.16 -19.65 12.65
C CYS B 215 -15.68 -19.40 12.94
N GLN B 216 -14.81 -20.24 12.37
CA GLN B 216 -13.38 -20.03 12.47
C GLN B 216 -12.85 -19.54 11.13
N VAL B 217 -11.86 -18.66 11.19
CA VAL B 217 -11.12 -18.20 10.02
C VAL B 217 -9.65 -18.38 10.33
N THR B 218 -8.99 -19.29 9.61
CA THR B 218 -7.56 -19.53 9.77
C THR B 218 -6.82 -18.79 8.67
N HIS B 219 -5.96 -17.86 9.07
CA HIS B 219 -5.18 -17.03 8.18
C HIS B 219 -3.73 -17.06 8.65
N GLU B 220 -2.83 -17.47 7.76
CA GLU B 220 -1.39 -17.50 8.04
C GLU B 220 -1.08 -18.20 9.37
N GLY B 221 -1.81 -19.28 9.63
CA GLY B 221 -1.58 -20.10 10.80
C GLY B 221 -2.37 -19.72 12.03
N HIS B 222 -2.94 -18.52 12.08
CA HIS B 222 -3.66 -18.05 13.26
C HIS B 222 -5.16 -18.13 13.02
N THR B 223 -5.89 -18.59 14.04
CA THR B 223 -7.32 -18.82 13.95
C THR B 223 -8.06 -17.75 14.75
N VAL B 224 -8.90 -16.99 14.07
CA VAL B 224 -9.81 -16.08 14.73
C VAL B 224 -11.21 -16.70 14.69
N GLU B 225 -12.02 -16.38 15.69
CA GLU B 225 -13.32 -17.02 15.82
C GLU B 225 -14.40 -15.98 16.11
N LYS B 226 -15.59 -16.22 15.59
CA LYS B 226 -16.77 -15.47 15.98
C LYS B 226 -17.92 -16.45 16.15
N SER B 227 -18.72 -16.25 17.20
CA SER B 227 -19.75 -17.20 17.57
C SER B 227 -20.89 -16.48 18.29
N LEU B 228 -22.11 -16.93 18.01
CA LEU B 228 -23.31 -16.46 18.68
C LEU B 228 -24.09 -17.65 19.23
N SER B 229 -25.05 -17.36 20.09
CA SER B 229 -25.91 -18.40 20.66
C SER B 229 -27.37 -17.96 20.66
N GLN C 20 18.96 -7.02 27.02
CA GLN C 20 19.02 -6.17 25.84
C GLN C 20 19.75 -4.86 26.12
N VAL C 21 20.19 -4.19 25.06
CA VAL C 21 20.98 -2.97 25.16
C VAL C 21 20.07 -1.78 24.90
N THR C 22 19.96 -0.87 25.87
CA THR C 22 19.17 0.33 25.72
C THR C 22 19.96 1.54 26.20
N LEU C 23 19.68 2.69 25.57
CA LEU C 23 20.31 3.96 25.92
C LEU C 23 19.21 5.02 25.88
N LYS C 24 19.04 5.74 26.99
CA LYS C 24 18.03 6.78 27.10
C LYS C 24 18.70 8.10 27.41
N GLU C 25 18.15 9.19 26.87
CA GLU C 25 18.72 10.51 27.04
C GLU C 25 17.79 11.41 27.84
N SER C 26 18.36 12.36 28.56
CA SER C 26 17.61 13.29 29.39
C SER C 26 18.27 14.67 29.31
N GLY C 27 17.43 15.70 29.19
CA GLY C 27 17.89 17.06 29.09
C GLY C 27 16.84 18.07 29.48
N PRO C 28 17.16 19.36 29.35
CA PRO C 28 16.24 20.41 29.80
C PRO C 28 15.07 20.64 28.85
N GLY C 29 15.30 20.48 27.56
CA GLY C 29 14.25 20.74 26.59
C GLY C 29 14.26 22.16 26.05
N ILE C 30 14.14 23.15 26.95
CA ILE C 30 14.14 24.55 26.57
C ILE C 30 15.26 25.25 27.34
N LEU C 31 16.02 26.09 26.64
CA LEU C 31 17.14 26.81 27.23
C LEU C 31 17.20 28.21 26.66
N GLN C 32 17.64 29.16 27.49
CA GLN C 32 17.89 30.50 27.01
C GLN C 32 19.30 30.59 26.42
N PRO C 33 19.53 31.49 25.45
CA PRO C 33 20.89 31.65 24.93
C PRO C 33 21.89 32.02 26.01
N SER C 34 23.14 31.69 25.77
CA SER C 34 24.29 31.89 26.66
C SER C 34 24.22 31.06 27.92
N GLN C 35 23.27 30.11 28.01
CA GLN C 35 23.21 29.19 29.14
C GLN C 35 24.15 28.02 28.89
N THR C 36 24.08 27.02 29.76
CA THR C 36 24.90 25.81 29.63
C THR C 36 24.00 24.60 29.53
N LEU C 37 24.16 23.83 28.46
CA LEU C 37 23.35 22.64 28.19
C LEU C 37 23.94 21.43 28.92
N SER C 38 23.07 20.71 29.63
CA SER C 38 23.41 19.53 30.42
C SER C 38 22.57 18.36 29.94
N LEU C 39 23.22 17.32 29.41
CA LEU C 39 22.54 16.11 28.98
C LEU C 39 23.12 14.89 29.68
N THR C 40 22.25 13.92 29.94
CA THR C 40 22.63 12.68 30.62
C THR C 40 22.07 11.48 29.86
N CYS C 41 22.93 10.52 29.56
CA CYS C 41 22.56 9.28 28.89
C CYS C 41 22.69 8.13 29.88
N SER C 42 21.57 7.52 30.24
CA SER C 42 21.55 6.34 31.09
C SER C 42 21.40 5.10 30.20
N PHE C 43 22.31 4.14 30.38
CA PHE C 43 22.32 2.95 29.53
C PHE C 43 22.24 1.69 30.38
N SER C 44 21.76 0.62 29.75
CA SER C 44 21.70 -0.69 30.38
C SER C 44 21.91 -1.76 29.31
N GLY C 45 22.33 -2.94 29.76
CA GLY C 45 22.71 -4.02 28.88
C GLY C 45 24.20 -4.16 28.67
N PHE C 46 24.98 -3.20 29.16
CA PHE C 46 26.44 -3.26 29.07
C PHE C 46 27.00 -2.31 30.12
N SER C 47 28.29 -2.49 30.42
CA SER C 47 28.99 -1.66 31.39
C SER C 47 30.22 -1.05 30.74
N LEU C 48 30.52 0.19 31.12
CA LEU C 48 31.73 0.85 30.65
C LEU C 48 32.99 0.36 31.34
N SER C 49 32.87 -0.67 32.19
CA SER C 49 34.04 -1.34 32.74
C SER C 49 34.62 -2.35 31.75
N THR C 50 33.80 -2.84 30.82
CA THR C 50 34.26 -3.82 29.84
C THR C 50 35.23 -3.18 28.86
N PHE C 51 36.29 -3.92 28.52
CA PHE C 51 37.23 -3.43 27.52
C PHE C 51 36.56 -3.32 26.17
N GLY C 52 36.89 -2.25 25.44
CA GLY C 52 36.34 -2.01 24.12
C GLY C 52 35.02 -1.27 24.08
N MET C 53 34.53 -0.80 25.22
CA MET C 53 33.21 -0.20 25.33
C MET C 53 33.33 1.31 25.35
N GLY C 54 32.43 2.00 24.65
CA GLY C 54 32.37 3.44 24.80
C GLY C 54 31.00 3.98 24.44
N VAL C 55 30.83 5.28 24.68
CA VAL C 55 29.56 5.94 24.36
C VAL C 55 29.87 7.31 23.78
N GLY C 56 29.08 7.71 22.77
CA GLY C 56 29.29 8.98 22.11
C GLY C 56 28.01 9.78 22.03
N TRP C 57 28.19 11.08 21.81
CA TRP C 57 27.13 12.06 21.64
C TRP C 57 27.18 12.60 20.22
N ILE C 58 26.03 12.57 19.54
CA ILE C 58 25.82 13.10 18.20
C ILE C 58 24.56 13.95 18.24
N ARG C 59 24.45 14.93 17.32
CA ARG C 59 23.26 15.78 17.27
C ARG C 59 22.78 15.99 15.84
N GLN C 60 21.49 16.25 15.71
CA GLN C 60 20.83 16.53 14.44
C GLN C 60 20.03 17.82 14.59
N PRO C 61 20.43 18.92 13.96
CA PRO C 61 19.72 20.19 14.16
C PRO C 61 18.35 20.26 13.49
N SER C 62 17.76 19.12 13.16
CA SER C 62 16.43 19.01 12.54
C SER C 62 16.41 19.63 11.15
N GLY C 63 16.14 18.82 10.14
CA GLY C 63 16.26 19.27 8.76
C GLY C 63 17.68 19.20 8.25
N LYS C 64 18.65 19.63 9.06
CA LYS C 64 20.05 19.51 8.70
C LYS C 64 20.54 18.10 9.02
N GLY C 65 21.85 17.86 8.87
CA GLY C 65 22.42 16.53 8.94
C GLY C 65 22.88 16.13 10.33
N LEU C 66 23.84 15.21 10.37
CA LEU C 66 24.38 14.67 11.61
C LEU C 66 25.73 15.31 11.93
N GLU C 67 25.90 15.68 13.20
CA GLU C 67 27.16 16.23 13.69
C GLU C 67 27.64 15.38 14.86
N TRP C 68 28.76 14.67 14.65
CA TRP C 68 29.38 13.92 15.73
C TRP C 68 29.99 14.89 16.73
N LEU C 69 29.54 14.82 17.98
CA LEU C 69 30.03 15.74 19.00
C LEU C 69 31.23 15.19 19.75
N ALA C 70 31.09 14.02 20.40
CA ALA C 70 32.20 13.53 21.19
C ALA C 70 31.99 12.06 21.53
N HIS C 71 33.01 11.44 22.12
CA HIS C 71 32.82 10.12 22.71
C HIS C 71 33.87 9.86 23.80
N ILE C 72 33.49 8.96 24.71
CA ILE C 72 34.26 8.57 25.88
C ILE C 72 34.42 7.05 25.87
N TRP C 73 35.61 6.59 26.25
CA TRP C 73 36.03 5.20 26.20
C TRP C 73 36.12 4.62 27.61
N TRP C 74 36.29 3.30 27.67
CA TRP C 74 36.34 2.62 28.97
C TRP C 74 37.60 2.98 29.75
N ASP C 75 38.73 3.18 29.06
CA ASP C 75 39.96 3.63 29.69
C ASP C 75 40.03 5.15 29.83
N ASN C 76 38.90 5.79 30.12
CA ASN C 76 38.75 7.25 30.30
C ASN C 76 39.48 8.08 29.23
N ASP C 77 39.64 7.55 28.02
CA ASP C 77 40.15 8.36 26.92
C ASP C 77 38.99 9.09 26.25
N GLU C 78 39.22 10.35 25.89
CA GLU C 78 38.18 11.25 25.41
C GLU C 78 38.51 11.75 24.01
N TYR C 79 37.47 11.97 23.20
CA TYR C 79 37.66 12.61 21.90
C TYR C 79 36.48 13.52 21.62
N CYS C 80 36.75 14.68 21.03
CA CYS C 80 35.71 15.67 20.76
C CYS C 80 35.95 16.30 19.39
N ASN C 81 34.87 16.89 18.88
CA ASN C 81 34.92 17.62 17.61
C ASN C 81 35.81 18.84 17.77
N PRO C 82 36.85 19.01 16.95
CA PRO C 82 37.78 20.13 17.13
C PRO C 82 37.11 21.50 17.06
N ALA C 83 35.97 21.60 16.38
CA ALA C 83 35.29 22.89 16.30
C ALA C 83 34.56 23.26 17.58
N LEU C 84 34.59 22.39 18.60
CA LEU C 84 33.82 22.63 19.82
C LEU C 84 34.64 22.37 21.09
N LYS C 85 35.96 22.17 20.96
CA LYS C 85 36.77 21.71 22.09
C LYS C 85 36.64 22.62 23.31
N SER C 86 36.66 23.94 23.10
CA SER C 86 36.64 24.88 24.21
C SER C 86 35.24 25.11 24.78
N ARG C 87 34.21 24.46 24.25
CA ARG C 87 32.87 24.57 24.80
C ARG C 87 32.27 23.23 25.23
N LEU C 88 32.93 22.12 24.93
CA LEU C 88 32.37 20.79 25.14
C LEU C 88 33.07 20.09 26.29
N THR C 89 32.28 19.40 27.11
CA THR C 89 32.82 18.57 28.18
C THR C 89 32.05 17.26 28.21
N ILE C 90 32.75 16.14 28.30
CA ILE C 90 32.11 14.84 28.38
C ILE C 90 32.73 14.07 29.53
N SER C 91 31.89 13.36 30.29
CA SER C 91 32.39 12.55 31.39
C SER C 91 31.48 11.34 31.56
N LYS C 92 31.89 10.42 32.42
CA LYS C 92 31.13 9.19 32.62
C LYS C 92 31.02 8.88 34.11
N ASP C 93 30.10 7.96 34.42
CA ASP C 93 29.94 7.41 35.75
C ASP C 93 29.76 5.91 35.53
N THR C 94 30.82 5.15 35.81
CA THR C 94 30.86 3.72 35.50
C THR C 94 30.06 2.88 36.49
N SER C 95 29.83 3.38 37.70
CA SER C 95 29.15 2.59 38.72
C SER C 95 27.63 2.56 38.49
N LYS C 96 27.05 3.71 38.15
CA LYS C 96 25.62 3.79 37.89
C LYS C 96 25.28 3.71 36.40
N ASN C 97 26.29 3.65 35.53
CA ASN C 97 26.11 3.56 34.08
C ASN C 97 25.45 4.82 33.53
N HIS C 98 26.15 5.95 33.66
CA HIS C 98 25.68 7.22 33.14
C HIS C 98 26.76 7.91 32.32
N ILE C 99 26.32 8.73 31.37
CA ILE C 99 27.18 9.52 30.51
C ILE C 99 26.71 10.96 30.61
N PHE C 100 27.64 11.90 30.66
CA PHE C 100 27.33 13.31 30.86
C PHE C 100 27.94 14.16 29.76
N LEU C 101 27.12 15.08 29.23
CA LEU C 101 27.51 15.98 28.15
C LEU C 101 27.20 17.41 28.54
N LYS C 102 28.19 18.30 28.39
CA LYS C 102 28.10 19.71 28.74
C LYS C 102 28.46 20.55 27.52
N ILE C 103 27.59 21.50 27.19
CA ILE C 103 27.86 22.45 26.11
C ILE C 103 27.70 23.86 26.67
N ALA C 104 28.79 24.63 26.69
CA ALA C 104 28.75 25.97 27.24
C ALA C 104 28.33 26.99 26.19
N ASN C 105 27.64 28.04 26.64
CA ASN C 105 27.22 29.15 25.79
C ASN C 105 26.37 28.65 24.61
N VAL C 106 25.19 28.14 24.96
CA VAL C 106 24.30 27.59 23.95
C VAL C 106 23.88 28.68 22.97
N ASP C 107 23.56 28.26 21.75
CA ASP C 107 23.20 29.16 20.67
C ASP C 107 22.01 28.56 19.94
N THR C 108 21.37 29.36 19.09
CA THR C 108 20.28 28.84 18.27
C THR C 108 20.76 27.74 17.33
N ALA C 109 22.06 27.69 17.03
CA ALA C 109 22.62 26.58 16.27
C ALA C 109 22.77 25.32 17.12
N ASP C 110 22.62 25.42 18.43
CA ASP C 110 22.62 24.26 19.31
C ASP C 110 21.22 23.68 19.52
N THR C 111 20.20 24.31 18.95
CA THR C 111 18.87 23.72 18.89
C THR C 111 18.92 22.49 18.00
N ALA C 112 18.60 21.32 18.57
CA ALA C 112 18.79 20.06 17.85
C ALA C 112 18.21 18.93 18.68
N THR C 113 18.12 17.76 18.05
CA THR C 113 17.85 16.51 18.76
C THR C 113 19.19 15.84 19.04
N TYR C 114 19.42 15.48 20.31
CA TYR C 114 20.68 14.90 20.74
C TYR C 114 20.51 13.41 21.00
N TYR C 115 21.45 12.63 20.50
CA TYR C 115 21.45 11.19 20.60
C TYR C 115 22.73 10.74 21.30
N CYS C 116 22.61 9.80 22.23
CA CYS C 116 23.75 9.05 22.72
C CYS C 116 23.74 7.68 22.06
N ALA C 117 24.93 7.15 21.80
CA ALA C 117 25.05 5.94 21.01
C ALA C 117 26.26 5.15 21.47
N ARG C 118 26.07 3.86 21.68
CA ARG C 118 27.17 2.99 22.08
C ARG C 118 28.12 2.80 20.90
N ILE C 119 29.41 2.74 21.21
CA ILE C 119 30.44 2.50 20.20
C ILE C 119 31.30 1.33 20.68
N PHE C 120 31.38 0.29 19.84
CA PHE C 120 32.06 -0.95 20.16
C PHE C 120 33.38 -1.00 19.41
N ALA C 121 34.49 -1.04 20.15
CA ALA C 121 35.83 -1.04 19.55
C ALA C 121 36.31 -2.48 19.45
N ASN C 122 36.20 -3.07 18.27
CA ASN C 122 36.73 -4.40 18.05
C ASN C 122 37.86 -4.35 17.04
N TYR C 123 38.64 -5.41 16.98
CA TYR C 123 39.71 -5.51 15.99
C TYR C 123 39.17 -5.15 14.62
N GLY C 124 39.79 -4.17 13.97
CA GLY C 124 39.36 -3.73 12.66
C GLY C 124 38.55 -2.46 12.63
N GLY C 125 37.96 -2.04 13.75
CA GLY C 125 37.33 -0.75 13.80
C GLY C 125 36.25 -0.67 14.87
N ASP C 126 35.47 0.40 14.77
CA ASP C 126 34.41 0.73 15.72
C ASP C 126 33.04 0.53 15.07
N ALA C 127 32.08 0.14 15.89
CA ALA C 127 30.71 -0.12 15.45
C ALA C 127 29.76 0.73 16.28
N MET C 128 29.04 1.64 15.60
CA MET C 128 27.97 2.41 16.22
C MET C 128 26.67 1.62 16.13
N ASP C 129 26.62 0.54 16.90
CA ASP C 129 25.56 -0.45 16.76
C ASP C 129 24.25 0.00 17.41
N TYR C 130 24.23 0.15 18.74
CA TYR C 130 23.00 0.59 19.41
C TYR C 130 22.97 2.11 19.58
N TRP C 131 21.82 2.69 19.30
CA TRP C 131 21.59 4.12 19.40
C TRP C 131 20.41 4.38 20.33
N GLY C 132 20.38 5.59 20.90
CA GLY C 132 19.27 5.98 21.75
C GLY C 132 18.13 6.61 20.98
N GLN C 133 16.96 6.65 21.61
CA GLN C 133 15.80 7.31 21.03
C GLN C 133 16.17 8.73 20.67
N GLY C 134 16.55 9.53 21.67
CA GLY C 134 16.88 10.92 21.43
C GLY C 134 16.22 11.88 22.39
N THR C 135 16.72 13.12 22.45
CA THR C 135 16.14 14.15 23.30
C THR C 135 16.17 15.47 22.54
N SER C 136 15.01 16.09 22.39
CA SER C 136 14.97 17.39 21.73
C SER C 136 15.47 18.47 22.67
N VAL C 137 16.12 19.48 22.11
CA VAL C 137 16.64 20.62 22.85
C VAL C 137 16.40 21.86 22.02
N THR C 138 15.68 22.82 22.57
CA THR C 138 15.31 24.05 21.89
C THR C 138 15.93 25.23 22.63
N VAL C 139 16.69 26.05 21.90
CA VAL C 139 17.37 27.20 22.47
C VAL C 139 16.66 28.44 21.93
N SER C 140 15.99 29.18 22.81
CA SER C 140 15.23 30.35 22.40
C SER C 140 15.00 31.25 23.60
N SER C 141 15.04 32.55 23.36
CA SER C 141 14.80 33.56 24.40
C SER C 141 13.37 34.10 24.32
N ALA C 142 12.42 33.20 24.14
CA ALA C 142 11.01 33.57 24.01
C ALA C 142 10.20 32.91 25.13
N SER C 143 9.07 33.52 25.45
CA SER C 143 8.21 33.08 26.54
C SER C 143 7.07 32.22 26.02
N THR C 144 6.51 31.41 26.91
CA THR C 144 5.37 30.57 26.58
C THR C 144 4.20 31.43 26.12
N THR C 145 3.63 31.08 24.97
CA THR C 145 2.60 31.89 24.32
C THR C 145 1.43 31.02 23.92
N ALA C 146 0.21 31.51 24.20
CA ALA C 146 -1.00 30.81 23.80
C ALA C 146 -1.22 30.98 22.29
N PRO C 147 -1.66 29.93 21.60
CA PRO C 147 -1.82 30.02 20.15
C PRO C 147 -3.10 30.75 19.75
N SER C 148 -3.03 31.42 18.61
CA SER C 148 -4.19 32.03 17.98
C SER C 148 -4.72 31.07 16.92
N VAL C 149 -5.98 30.66 17.07
CA VAL C 149 -6.59 29.64 16.23
C VAL C 149 -7.60 30.31 15.31
N TYR C 150 -7.36 30.20 14.00
CA TYR C 150 -8.19 30.84 12.99
C TYR C 150 -8.79 29.79 12.07
N PRO C 151 -10.06 29.92 11.71
CA PRO C 151 -10.69 28.95 10.80
C PRO C 151 -10.24 29.21 9.37
N LEU C 152 -10.21 28.13 8.58
CA LEU C 152 -9.92 28.21 7.16
C LEU C 152 -11.07 27.56 6.42
N ALA C 153 -11.75 28.33 5.58
CA ALA C 153 -12.89 27.84 4.83
C ALA C 153 -12.94 28.58 3.50
N PRO C 154 -13.40 27.93 2.43
CA PRO C 154 -13.44 28.59 1.12
C PRO C 154 -14.54 29.64 1.03
N THR C 155 -17.14 21.52 -7.71
CA THR C 155 -17.27 20.20 -8.32
C THR C 155 -17.11 19.09 -7.29
N GLY C 156 -16.29 19.34 -6.27
CA GLY C 156 -16.05 18.35 -5.25
C GLY C 156 -17.25 18.13 -4.35
N SER C 157 -17.85 16.95 -4.41
CA SER C 157 -18.92 16.62 -3.48
C SER C 157 -18.42 16.67 -2.05
N SER C 158 -17.17 16.29 -1.83
CA SER C 158 -16.51 16.49 -0.55
C SER C 158 -15.95 17.91 -0.47
N VAL C 159 -15.75 18.37 0.76
CA VAL C 159 -15.20 19.69 1.02
C VAL C 159 -14.08 19.56 2.05
N THR C 160 -13.08 20.41 1.90
CA THR C 160 -11.91 20.42 2.78
C THR C 160 -11.96 21.68 3.64
N LEU C 161 -11.90 21.50 4.95
CA LEU C 161 -12.03 22.57 5.92
C LEU C 161 -10.80 22.56 6.81
N GLY C 162 -10.20 23.73 7.03
CA GLY C 162 -8.95 23.78 7.76
C GLY C 162 -9.00 24.59 9.06
N CYS C 163 -7.94 24.44 9.85
CA CYS C 163 -7.85 25.09 11.15
C CYS C 163 -6.39 25.45 11.36
N LEU C 164 -6.10 26.76 11.41
CA LEU C 164 -4.74 27.27 11.49
C LEU C 164 -4.42 27.63 12.93
N VAL C 165 -3.28 27.17 13.43
CA VAL C 165 -2.82 27.49 14.77
C VAL C 165 -1.51 28.26 14.59
N LYS C 166 -1.51 29.54 14.99
CA LYS C 166 -0.41 30.45 14.70
C LYS C 166 0.12 31.04 16.00
N GLY C 167 1.44 31.23 16.05
CA GLY C 167 2.02 32.06 17.09
C GLY C 167 1.96 31.46 18.48
N TYR C 168 2.53 30.28 18.66
CA TYR C 168 2.64 29.65 19.97
C TYR C 168 4.07 29.24 20.24
N PHE C 169 4.32 28.84 21.49
CA PHE C 169 5.60 28.39 22.00
C PHE C 169 5.32 27.73 23.35
N PRO C 170 5.73 26.47 23.55
CA PRO C 170 6.38 25.57 22.59
C PRO C 170 5.47 24.50 22.03
N GLU C 171 6.09 23.49 21.41
CA GLU C 171 5.38 22.31 20.99
C GLU C 171 4.94 21.50 22.21
N PRO C 172 3.89 20.69 22.05
CA PRO C 172 3.06 20.54 20.86
C PRO C 172 1.67 21.11 21.04
N VAL C 173 0.85 21.08 20.01
CA VAL C 173 -0.59 21.22 20.14
C VAL C 173 -1.23 19.89 19.78
N THR C 174 -2.35 19.61 20.42
CA THR C 174 -3.18 18.46 20.06
C THR C 174 -4.44 18.98 19.36
N LEU C 175 -4.69 18.45 18.17
CA LEU C 175 -5.74 18.94 17.28
C LEU C 175 -6.72 17.81 17.03
N THR C 176 -7.98 18.03 17.39
CA THR C 176 -9.04 17.06 17.12
C THR C 176 -10.21 17.76 16.45
N TRP C 177 -11.17 16.96 15.98
CA TRP C 177 -12.39 17.48 15.37
C TRP C 177 -13.58 16.80 16.02
N ASN C 178 -14.56 17.62 16.44
CA ASN C 178 -15.77 17.14 17.12
C ASN C 178 -15.42 16.36 18.39
N SER C 179 -14.58 16.97 19.22
CA SER C 179 -14.04 16.36 20.44
C SER C 179 -13.50 14.95 20.18
N GLY C 180 -12.92 14.75 18.99
CA GLY C 180 -12.28 13.51 18.63
C GLY C 180 -13.16 12.52 17.90
N SER C 181 -14.50 12.66 18.03
CA SER C 181 -15.39 11.69 17.39
C SER C 181 -15.35 11.80 15.86
N LEU C 182 -14.99 12.96 15.33
CA LEU C 182 -14.79 13.14 13.89
C LEU C 182 -13.30 13.01 13.61
N SER C 183 -12.90 11.89 13.02
CA SER C 183 -11.50 11.61 12.79
C SER C 183 -11.18 11.09 11.40
N SER C 184 -12.16 10.98 10.51
CA SER C 184 -11.91 10.46 9.17
C SER C 184 -11.43 11.57 8.26
N GLY C 185 -10.37 11.30 7.51
CA GLY C 185 -9.84 12.26 6.56
C GLY C 185 -9.21 13.50 7.17
N VAL C 186 -8.43 13.33 8.24
CA VAL C 186 -7.79 14.44 8.94
C VAL C 186 -6.29 14.37 8.71
N HIS C 187 -5.68 15.53 8.51
CA HIS C 187 -4.23 15.65 8.35
C HIS C 187 -3.74 16.84 9.16
N THR C 188 -2.74 16.60 10.02
CA THR C 188 -2.09 17.65 10.79
C THR C 188 -0.66 17.82 10.29
N PHE C 189 -0.35 19.03 9.80
CA PHE C 189 0.88 19.42 9.12
C PHE C 189 1.95 19.85 10.12
N PRO C 190 3.22 19.72 9.78
CA PRO C 190 4.29 20.17 10.67
C PRO C 190 4.31 21.69 10.78
N ALA C 191 5.06 22.16 11.78
CA ALA C 191 5.10 23.57 12.12
C ALA C 191 6.35 24.24 11.56
N VAL C 192 6.35 25.58 11.59
CA VAL C 192 7.49 26.38 11.14
C VAL C 192 7.73 27.51 12.13
N LEU C 193 8.92 28.11 12.03
CA LEU C 193 9.33 29.25 12.84
C LEU C 193 8.98 30.55 12.10
N GLN C 194 8.04 31.30 12.66
CA GLN C 194 7.82 32.70 12.31
C GLN C 194 8.41 33.52 13.45
N SER C 195 9.63 34.01 13.23
CA SER C 195 10.35 34.86 14.18
C SER C 195 10.17 34.39 15.62
N ASP C 196 10.67 33.18 15.88
CA ASP C 196 10.72 32.50 17.19
C ASP C 196 9.38 31.94 17.65
N LEU C 197 8.33 31.94 16.82
CA LEU C 197 7.06 31.34 17.21
C LEU C 197 6.69 30.23 16.23
N TYR C 198 5.87 29.28 16.70
CA TYR C 198 5.54 28.11 15.90
C TYR C 198 4.21 28.31 15.18
N THR C 199 4.09 27.69 14.02
CA THR C 199 2.83 27.74 13.27
C THR C 199 2.58 26.41 12.57
N LEU C 200 1.35 25.89 12.70
CA LEU C 200 0.93 24.70 11.95
C LEU C 200 -0.54 24.82 11.62
N SER C 201 -1.07 23.82 10.93
CA SER C 201 -2.48 23.79 10.55
C SER C 201 -2.92 22.35 10.38
N SER C 202 -4.25 22.15 10.41
CA SER C 202 -4.83 20.82 10.21
C SER C 202 -6.08 20.92 9.36
N SER C 203 -6.21 20.01 8.40
CA SER C 203 -7.35 19.99 7.48
C SER C 203 -8.12 18.70 7.63
N VAL C 204 -9.41 18.76 7.32
CA VAL C 204 -10.29 17.60 7.35
C VAL C 204 -11.25 17.69 6.18
N THR C 205 -11.48 16.56 5.52
CA THR C 205 -12.45 16.51 4.43
C THR C 205 -13.71 15.79 4.91
N VAL C 206 -14.86 16.41 4.63
CA VAL C 206 -16.16 15.80 4.87
C VAL C 206 -17.05 16.17 3.69
N THR C 207 -17.94 15.25 3.33
CA THR C 207 -18.77 15.48 2.14
C THR C 207 -19.74 16.63 2.40
N SER C 208 -19.84 17.51 1.40
CA SER C 208 -20.42 18.85 1.59
C SER C 208 -21.84 18.85 2.14
N SER C 209 -22.49 17.69 2.27
CA SER C 209 -23.83 17.66 2.84
C SER C 209 -23.82 17.77 4.36
N THR C 210 -22.73 17.35 5.00
CA THR C 210 -22.67 17.40 6.46
C THR C 210 -22.54 18.83 6.98
N TRP C 211 -21.79 19.66 6.27
CA TRP C 211 -21.51 21.02 6.69
C TRP C 211 -22.07 22.02 5.68
N PRO C 212 -22.70 23.11 6.13
CA PRO C 212 -22.87 23.56 7.53
C PRO C 212 -24.13 23.01 8.18
N SER C 213 -24.68 21.88 7.72
CA SER C 213 -25.87 21.33 8.36
C SER C 213 -25.55 20.74 9.73
N GLN C 214 -24.38 20.14 9.89
CA GLN C 214 -23.93 19.62 11.17
C GLN C 214 -22.76 20.44 11.69
N SER C 215 -22.76 20.70 12.99
CA SER C 215 -21.71 21.49 13.60
C SER C 215 -20.40 20.72 13.62
N ILE C 216 -19.31 21.40 13.25
CA ILE C 216 -17.97 20.83 13.33
C ILE C 216 -17.09 21.83 14.07
N THR C 217 -16.45 21.36 15.14
CA THR C 217 -15.59 22.21 15.97
C THR C 217 -14.16 21.68 15.91
N CYS C 218 -13.24 22.53 15.47
CA CYS C 218 -11.81 22.26 15.58
C CYS C 218 -11.37 22.51 17.01
N ASN C 219 -10.67 21.54 17.61
CA ASN C 219 -10.29 21.57 19.01
C ASN C 219 -8.78 21.64 19.10
N VAL C 220 -8.26 22.70 19.71
CA VAL C 220 -6.84 22.94 19.90
C VAL C 220 -6.56 22.90 21.39
N ALA C 221 -5.58 22.08 21.79
CA ALA C 221 -5.12 22.05 23.16
C ALA C 221 -3.63 22.34 23.18
N HIS C 222 -3.23 23.35 23.96
CA HIS C 222 -1.84 23.70 24.19
C HIS C 222 -1.50 23.38 25.64
N PRO C 223 -0.71 22.34 25.90
CA PRO C 223 -0.48 21.92 27.29
C PRO C 223 0.48 22.82 28.05
N ALA C 224 1.50 23.34 27.36
CA ALA C 224 2.49 24.18 28.03
C ALA C 224 1.86 25.46 28.55
N SER C 225 0.96 26.07 27.76
CA SER C 225 0.17 27.19 28.24
C SER C 225 -1.15 26.77 28.86
N SER C 226 -1.48 25.47 28.80
CA SER C 226 -2.71 24.93 29.38
C SER C 226 -3.95 25.63 28.83
N THR C 227 -3.92 26.05 27.57
CA THR C 227 -5.02 26.75 26.94
CA THR C 227 -5.02 26.75 26.94
C THR C 227 -5.75 25.81 26.01
N LYS C 228 -7.05 25.62 26.24
CA LYS C 228 -7.90 24.75 25.44
C LYS C 228 -8.94 25.62 24.75
N VAL C 229 -8.94 25.63 23.42
CA VAL C 229 -9.87 26.47 22.66
C VAL C 229 -10.49 25.65 21.55
N ASP C 230 -11.78 25.87 21.30
CA ASP C 230 -12.50 25.20 20.25
C ASP C 230 -13.14 26.24 19.34
N LYS C 231 -13.04 26.04 18.04
CA LYS C 231 -13.58 26.97 17.06
C LYS C 231 -14.49 26.17 16.15
N LYS C 232 -15.78 26.51 16.15
CA LYS C 232 -16.76 25.90 15.26
C LYS C 232 -16.69 26.59 13.90
N ILE C 233 -16.40 25.81 12.85
CA ILE C 233 -16.06 26.39 11.56
C ILE C 233 -17.29 27.00 10.91
N ASP C 234 -17.07 28.10 10.18
CA ASP C 234 -18.05 28.99 9.61
C ASP C 234 -17.70 29.25 8.15
N PRO C 235 -18.69 29.40 7.28
CA PRO C 235 -18.41 29.62 5.85
C PRO C 235 -17.90 31.03 5.57
N ALA C 236 -17.42 31.21 4.34
CA ALA C 236 -16.87 32.48 3.90
C ALA C 236 -17.97 33.53 3.74
N GLN D 20 39.67 20.92 7.79
CA GLN D 20 38.39 20.80 8.47
C GLN D 20 37.71 19.46 8.14
N ALA D 21 38.01 18.95 6.95
CA ALA D 21 37.53 17.65 6.46
C ALA D 21 36.02 17.61 6.30
N VAL D 22 35.54 17.52 5.06
CA VAL D 22 34.13 17.35 4.78
C VAL D 22 33.93 16.04 4.05
N VAL D 23 32.83 15.35 4.37
CA VAL D 23 32.50 14.05 3.80
C VAL D 23 31.25 14.21 2.94
N THR D 24 31.33 13.72 1.71
CA THR D 24 30.28 13.91 0.71
C THR D 24 29.71 12.56 0.30
N GLN D 25 28.37 12.48 0.28
CA GLN D 25 27.66 11.35 -0.30
C GLN D 25 26.53 11.89 -1.17
N GLU D 26 25.97 11.01 -2.01
CA GLU D 26 24.91 11.42 -2.92
C GLU D 26 23.68 11.85 -2.14
N SER D 27 22.99 12.86 -2.67
CA SER D 27 21.82 13.40 -1.96
C SER D 27 20.67 12.40 -1.92
N ALA D 28 20.40 11.72 -3.03
CA ALA D 28 19.26 10.81 -3.09
C ALA D 28 19.48 9.75 -4.17
N LEU D 29 18.92 8.56 -3.91
CA LEU D 29 18.91 7.46 -4.86
C LEU D 29 17.55 6.79 -4.79
N THR D 30 17.08 6.29 -5.94
CA THR D 30 15.73 5.75 -6.08
C THR D 30 15.78 4.44 -6.83
N THR D 31 15.06 3.43 -6.34
CA THR D 31 15.06 2.12 -6.96
C THR D 31 13.73 1.43 -6.72
N SER D 32 13.44 0.44 -7.56
CA SER D 32 12.30 -0.42 -7.37
C SER D 32 12.64 -1.53 -6.37
N PRO D 33 11.64 -2.13 -5.73
CA PRO D 33 11.92 -3.19 -4.75
C PRO D 33 12.61 -4.39 -5.38
N GLY D 34 13.86 -4.62 -4.98
CA GLY D 34 14.69 -5.68 -5.54
C GLY D 34 15.91 -5.19 -6.27
N GLY D 35 16.02 -3.89 -6.53
CA GLY D 35 17.18 -3.37 -7.23
C GLY D 35 18.38 -3.21 -6.32
N THR D 36 19.57 -3.37 -6.91
CA THR D 36 20.82 -3.16 -6.20
C THR D 36 21.17 -1.69 -6.21
N VAL D 37 21.48 -1.14 -5.04
CA VAL D 37 21.86 0.26 -4.91
C VAL D 37 23.25 0.32 -4.30
N ILE D 38 24.09 1.22 -4.83
CA ILE D 38 25.45 1.40 -4.35
C ILE D 38 25.58 2.84 -3.88
N LEU D 39 25.64 3.04 -2.57
CA LEU D 39 25.89 4.33 -1.96
C LEU D 39 27.39 4.48 -1.73
N THR D 40 27.89 5.71 -1.85
CA THR D 40 29.31 5.97 -1.73
C THR D 40 29.58 7.13 -0.79
N CYS D 41 30.80 7.12 -0.24
CA CYS D 41 31.22 8.02 0.81
C CYS D 41 32.62 8.53 0.45
N ARG D 42 32.77 9.84 0.34
CA ARG D 42 33.96 10.46 -0.22
C ARG D 42 34.52 11.49 0.76
N SER D 43 35.85 11.56 0.84
CA SER D 43 36.52 12.46 1.77
C SER D 43 37.30 13.52 1.02
N SER D 44 37.27 14.75 1.54
CA SER D 44 37.98 15.85 0.90
C SER D 44 39.48 15.76 1.12
N THR D 45 39.90 15.19 2.25
CA THR D 45 41.33 15.09 2.54
C THR D 45 42.06 14.17 1.58
N GLY D 46 41.33 13.31 0.87
CA GLY D 46 41.96 12.40 -0.08
C GLY D 46 41.34 11.02 -0.07
N ALA D 47 42.17 10.00 -0.30
CA ALA D 47 41.67 8.63 -0.39
C ALA D 47 41.12 8.16 0.96
N VAL D 48 40.09 7.34 0.90
CA VAL D 48 39.50 6.74 2.09
C VAL D 48 40.15 5.39 2.29
N THR D 49 40.71 5.18 3.47
CA THR D 49 41.46 3.97 3.75
C THR D 49 40.76 3.24 4.89
N THR D 50 41.08 1.96 5.06
CA THR D 50 40.63 1.24 6.24
C THR D 50 40.88 2.02 7.52
N SER D 51 41.92 2.87 7.55
CA SER D 51 42.18 3.65 8.75
C SER D 51 41.21 4.80 8.92
N ASN D 52 40.21 4.92 8.07
CA ASN D 52 39.11 5.86 8.28
C ASN D 52 37.92 5.22 8.96
N TYR D 53 37.95 3.90 9.13
CA TYR D 53 36.95 3.15 9.91
C TYR D 53 35.54 3.58 9.55
N ALA D 54 35.21 3.40 8.27
CA ALA D 54 33.92 3.84 7.74
C ALA D 54 32.79 3.22 8.53
N ASN D 55 31.83 4.04 8.93
CA ASN D 55 30.62 3.59 9.60
C ASN D 55 29.41 3.96 8.76
N TRP D 56 28.47 3.02 8.63
CA TRP D 56 27.22 3.24 7.93
C TRP D 56 26.07 3.04 8.91
N VAL D 57 25.22 4.06 9.04
CA VAL D 57 24.10 4.13 9.97
C VAL D 57 22.84 4.49 9.20
N GLN D 58 21.70 3.97 9.64
CA GLN D 58 20.44 4.14 8.92
C GLN D 58 19.37 4.74 9.83
N LYS D 59 18.54 5.62 9.25
CA LYS D 59 17.45 6.27 9.96
C LYS D 59 16.17 6.10 9.15
N LYS D 60 15.26 5.27 9.66
CA LYS D 60 13.89 5.20 9.20
C LYS D 60 13.09 6.34 9.85
N PRO D 61 11.87 6.63 9.37
CA PRO D 61 11.19 7.84 9.91
C PRO D 61 10.69 7.68 11.34
N ASP D 62 10.12 6.53 11.70
CA ASP D 62 9.55 6.32 13.02
C ASP D 62 10.31 5.30 13.86
N HIS D 63 11.51 4.92 13.44
CA HIS D 63 12.36 4.03 14.20
C HIS D 63 13.61 4.78 14.68
N LEU D 64 14.42 4.09 15.47
CA LEU D 64 15.66 4.67 15.93
C LEU D 64 16.72 4.62 14.84
N PHE D 65 17.83 5.30 15.08
CA PHE D 65 19.00 5.09 14.25
C PHE D 65 19.52 3.66 14.44
N THR D 66 19.99 3.07 13.35
CA THR D 66 20.48 1.69 13.38
C THR D 66 21.81 1.61 12.67
N GLY D 67 22.87 1.28 13.41
CA GLY D 67 24.15 1.06 12.79
C GLY D 67 24.12 -0.17 11.89
N LEU D 68 24.69 -0.02 10.70
CA LEU D 68 24.77 -1.11 9.73
C LEU D 68 26.18 -1.66 9.59
N ILE D 69 27.15 -0.82 9.27
CA ILE D 69 28.52 -1.29 9.01
C ILE D 69 29.48 -0.53 9.91
N GLY D 70 30.42 -1.26 10.50
CA GLY D 70 31.54 -0.65 11.19
C GLY D 70 32.87 -1.09 10.60
N GLY D 71 33.91 -0.29 10.78
CA GLY D 71 35.23 -0.63 10.27
C GLY D 71 35.24 -1.01 8.80
N THR D 72 34.72 -0.11 7.95
CA THR D 72 34.70 -0.27 6.50
C THR D 72 33.79 -1.42 6.05
N SER D 73 34.05 -2.64 6.52
CA SER D 73 33.29 -3.81 6.06
C SER D 73 32.72 -4.68 7.16
N ASN D 74 33.17 -4.53 8.41
CA ASN D 74 32.64 -5.33 9.51
C ASN D 74 31.18 -4.97 9.76
N ARG D 75 30.29 -5.91 9.52
CA ARG D 75 28.86 -5.65 9.61
C ARG D 75 28.34 -5.87 11.02
N VAL D 76 27.44 -4.97 11.43
CA VAL D 76 26.80 -5.06 12.74
C VAL D 76 25.90 -6.29 12.79
N SER D 77 25.93 -7.00 13.92
CA SER D 77 25.16 -8.22 14.06
C SER D 77 23.66 -7.95 13.98
N GLY D 78 22.95 -8.79 13.21
CA GLY D 78 21.51 -8.78 13.17
C GLY D 78 20.89 -8.10 11.98
N VAL D 79 21.65 -7.34 11.19
CA VAL D 79 21.11 -6.62 10.04
C VAL D 79 21.14 -7.54 8.83
N PRO D 80 20.21 -7.39 7.87
CA PRO D 80 20.05 -8.40 6.82
C PRO D 80 21.28 -8.56 5.94
N VAL D 81 21.33 -9.70 5.25
CA VAL D 81 22.51 -10.06 4.47
C VAL D 81 22.67 -9.17 3.25
N ARG D 82 21.60 -8.50 2.81
CA ARG D 82 21.68 -7.65 1.62
C ARG D 82 22.63 -6.48 1.82
N PHE D 83 22.87 -6.06 3.05
CA PHE D 83 23.75 -4.92 3.32
C PHE D 83 25.21 -5.38 3.33
N SER D 84 26.06 -4.64 2.64
CA SER D 84 27.49 -4.95 2.64
C SER D 84 28.29 -3.64 2.57
N GLY D 85 29.47 -3.66 3.15
CA GLY D 85 30.37 -2.50 3.15
C GLY D 85 31.68 -2.85 2.51
N SER D 86 32.25 -1.91 1.76
CA SER D 86 33.49 -2.16 1.04
C SER D 86 34.15 -0.83 0.70
N LEU D 87 35.28 -0.93 0.00
CA LEU D 87 36.03 0.22 -0.50
C LEU D 87 36.07 0.12 -2.02
N ILE D 88 35.35 1.01 -2.71
CA ILE D 88 35.46 1.12 -4.15
C ILE D 88 36.54 2.15 -4.44
N GLY D 89 37.66 1.70 -4.98
CA GLY D 89 38.79 2.55 -5.26
C GLY D 89 39.23 3.36 -4.05
N ASP D 90 39.13 4.69 -4.16
CA ASP D 90 39.56 5.60 -3.11
C ASP D 90 38.39 6.17 -2.32
N LYS D 91 37.25 5.47 -2.28
CA LYS D 91 36.13 5.93 -1.48
C LYS D 91 35.37 4.74 -0.93
N ALA D 92 34.63 4.97 0.16
CA ALA D 92 33.93 3.89 0.84
C ALA D 92 32.55 3.68 0.22
N ALA D 93 31.96 2.52 0.45
CA ALA D 93 30.70 2.23 -0.21
C ALA D 93 29.88 1.23 0.58
N LEU D 94 28.57 1.41 0.50
CA LEU D 94 27.58 0.50 1.05
C LEU D 94 26.71 -0.02 -0.09
N THR D 95 26.67 -1.33 -0.25
CA THR D 95 25.90 -1.98 -1.30
C THR D 95 24.68 -2.65 -0.69
N ILE D 96 23.51 -2.35 -1.23
CA ILE D 96 22.26 -2.97 -0.84
C ILE D 96 21.82 -3.81 -2.05
N THR D 97 21.99 -5.12 -1.95
CA THR D 97 21.68 -6.03 -3.05
C THR D 97 20.30 -6.64 -2.83
N GLY D 98 19.37 -6.33 -3.72
CA GLY D 98 18.00 -6.76 -3.53
C GLY D 98 17.29 -5.94 -2.47
N ALA D 99 17.19 -4.64 -2.70
CA ALA D 99 16.55 -3.74 -1.74
C ALA D 99 15.09 -4.13 -1.54
N GLN D 100 14.59 -3.84 -0.35
CA GLN D 100 13.21 -4.15 0.04
C GLN D 100 12.45 -2.87 0.34
N THR D 101 11.14 -3.02 0.55
CA THR D 101 10.27 -1.89 0.80
C THR D 101 10.53 -1.22 2.14
N GLU D 102 11.19 -1.91 3.07
CA GLU D 102 11.50 -1.36 4.38
C GLU D 102 12.80 -0.57 4.39
N ASP D 103 13.61 -0.68 3.35
CA ASP D 103 14.90 0.01 3.30
C ASP D 103 14.77 1.47 2.88
N ASP D 104 13.56 1.94 2.55
CA ASP D 104 13.29 3.35 2.32
C ASP D 104 13.70 4.19 3.52
N ALA D 105 14.82 4.90 3.45
CA ALA D 105 15.34 5.54 4.66
C ALA D 105 16.51 6.45 4.30
N MET D 106 17.05 7.11 5.33
CA MET D 106 18.25 7.93 5.19
C MET D 106 19.45 7.11 5.64
N TYR D 107 20.55 7.24 4.89
CA TYR D 107 21.78 6.50 5.18
C TYR D 107 22.92 7.49 5.35
N PHE D 108 23.52 7.50 6.52
CA PHE D 108 24.64 8.38 6.82
C PHE D 108 25.91 7.56 6.95
N CYS D 109 27.02 8.18 6.55
CA CYS D 109 28.34 7.58 6.64
C CYS D 109 29.24 8.47 7.48
N ALA D 110 30.13 7.83 8.23
CA ALA D 110 31.00 8.51 9.18
C ALA D 110 32.44 8.04 8.97
N LEU D 111 33.36 8.99 8.86
CA LEU D 111 34.77 8.71 8.64
C LEU D 111 35.58 9.22 9.83
N TRP D 112 36.60 8.45 10.21
CA TRP D 112 37.47 8.81 11.31
C TRP D 112 38.67 9.58 10.78
N PHE D 113 38.91 10.75 11.37
CA PHE D 113 40.01 11.63 10.96
C PHE D 113 40.92 11.84 12.17
N SER D 114 41.58 10.77 12.61
CA SER D 114 42.58 10.78 13.66
C SER D 114 42.00 11.15 15.03
N THR D 115 41.28 12.27 15.12
CA THR D 115 40.80 12.75 16.41
C THR D 115 39.30 12.92 16.49
N HIS D 116 38.56 12.68 15.41
CA HIS D 116 37.13 12.94 15.42
C HIS D 116 36.47 12.19 14.27
N TYR D 117 35.17 11.93 14.45
CA TYR D 117 34.33 11.38 13.39
C TYR D 117 33.64 12.51 12.65
N VAL D 118 33.52 12.38 11.34
CA VAL D 118 32.79 13.33 10.52
C VAL D 118 31.72 12.55 9.78
N PHE D 119 30.46 12.97 9.96
CA PHE D 119 29.34 12.36 9.26
C PHE D 119 29.14 13.03 7.90
N GLY D 120 28.54 12.27 6.98
CA GLY D 120 28.20 12.81 5.69
C GLY D 120 26.84 13.50 5.70
N GLY D 121 26.51 14.12 4.56
CA GLY D 121 25.24 14.78 4.41
C GLY D 121 24.05 13.85 4.45
N GLY D 122 24.26 12.57 4.16
CA GLY D 122 23.18 11.62 4.19
C GLY D 122 22.58 11.39 2.81
N THR D 123 22.10 10.18 2.59
CA THR D 123 21.52 9.78 1.31
C THR D 123 20.10 9.28 1.55
N LYS D 124 19.13 9.90 0.90
CA LYS D 124 17.74 9.50 1.00
C LYS D 124 17.47 8.43 -0.05
N VAL D 125 17.42 7.17 0.38
CA VAL D 125 17.15 6.06 -0.51
C VAL D 125 15.65 5.84 -0.55
N THR D 126 15.06 6.09 -1.71
CA THR D 126 13.62 5.96 -1.93
C THR D 126 13.34 4.64 -2.63
N VAL D 127 12.56 3.78 -1.98
CA VAL D 127 12.14 2.51 -2.55
C VAL D 127 10.67 2.65 -2.92
N LEU D 128 10.35 2.49 -4.20
CA LEU D 128 8.96 2.62 -4.65
C LEU D 128 8.11 1.54 -4.03
N SER D 129 7.19 1.93 -3.15
CA SER D 129 6.29 0.99 -2.49
C SER D 129 4.84 1.17 -2.89
N GLN D 130 4.51 2.22 -3.62
CA GLN D 130 3.13 2.57 -3.95
C GLN D 130 3.06 3.09 -5.36
N PRO D 131 1.88 3.12 -5.98
CA PRO D 131 1.73 3.79 -7.27
C PRO D 131 1.86 5.29 -7.11
N LYS D 132 2.44 5.92 -8.13
CA LYS D 132 2.61 7.37 -8.13
C LYS D 132 1.26 8.05 -8.08
N SER D 133 1.03 8.85 -7.04
CA SER D 133 -0.20 9.60 -6.86
C SER D 133 0.10 11.09 -6.94
N SER D 134 -0.64 11.81 -7.77
CA SER D 134 -0.45 13.23 -7.90
C SER D 134 -0.98 13.95 -6.66
N PRO D 135 -0.38 15.07 -6.29
CA PRO D 135 -0.77 15.73 -5.04
C PRO D 135 -2.14 16.38 -5.13
N SER D 136 -2.90 16.25 -4.06
CA SER D 136 -4.15 16.99 -3.89
C SER D 136 -3.85 18.26 -3.11
N VAL D 137 -4.20 19.40 -3.70
CA VAL D 137 -3.75 20.71 -3.22
C VAL D 137 -4.95 21.59 -2.91
N THR D 138 -4.89 22.30 -1.79
CA THR D 138 -5.92 23.25 -1.38
C THR D 138 -5.27 24.60 -1.09
N LEU D 139 -5.97 25.67 -1.46
CA LEU D 139 -5.53 27.03 -1.14
C LEU D 139 -6.60 27.67 -0.27
N PHE D 140 -6.25 28.00 0.97
CA PHE D 140 -7.09 28.72 1.91
C PHE D 140 -6.67 30.17 1.98
N PRO D 141 -7.60 31.09 1.79
CA PRO D 141 -7.29 32.52 1.93
C PRO D 141 -7.23 32.91 3.39
N PRO D 142 -6.59 34.04 3.72
CA PRO D 142 -6.56 34.48 5.11
C PRO D 142 -7.96 34.86 5.60
N SER D 143 -8.36 34.25 6.72
CA SER D 143 -9.67 34.50 7.28
C SER D 143 -9.79 35.94 7.76
N SER D 144 -11.03 36.39 7.95
CA SER D 144 -11.28 37.77 8.36
C SER D 144 -10.74 38.04 9.75
N GLU D 145 -10.83 37.04 10.64
CA GLU D 145 -10.31 37.17 11.98
C GLU D 145 -8.83 37.56 11.99
N GLU D 146 -8.07 37.10 10.98
CA GLU D 146 -6.69 37.53 10.87
C GLU D 146 -6.59 38.96 10.33
N LEU D 147 -7.37 39.27 9.30
CA LEU D 147 -7.37 40.62 8.75
C LEU D 147 -7.70 41.66 9.80
N GLU D 148 -8.30 41.25 10.92
CA GLU D 148 -8.34 42.12 12.10
C GLU D 148 -6.93 42.51 12.52
N THR D 149 -6.06 41.52 12.76
CA THR D 149 -4.75 41.73 13.34
C THR D 149 -3.72 42.34 12.37
N ASN D 150 -4.18 42.97 11.27
CA ASN D 150 -3.30 43.58 10.28
C ASN D 150 -2.29 42.58 9.69
N LYS D 151 -2.63 41.29 9.74
CA LYS D 151 -1.82 40.24 9.17
C LYS D 151 -2.62 39.48 8.12
N ALA D 152 -1.93 38.61 7.38
CA ALA D 152 -2.59 37.80 6.36
C ALA D 152 -1.70 36.61 6.02
N THR D 153 -2.27 35.41 6.10
CA THR D 153 -1.59 34.19 5.69
C THR D 153 -2.43 33.43 4.68
N LEU D 154 -1.83 33.17 3.53
CA LEU D 154 -2.39 32.27 2.52
C LEU D 154 -1.81 30.88 2.76
N VAL D 155 -2.68 29.91 3.02
CA VAL D 155 -2.26 28.55 3.35
C VAL D 155 -2.41 27.68 2.11
N CYS D 156 -1.41 26.87 1.82
CA CYS D 156 -1.43 25.99 0.65
C CYS D 156 -1.08 24.58 1.15
N THR D 157 -2.10 23.74 1.31
CA THR D 157 -1.92 22.40 1.83
C THR D 157 -1.81 21.40 0.67
N ILE D 158 -0.96 20.39 0.87
CA ILE D 158 -0.66 19.38 -0.14
C ILE D 158 -0.68 18.02 0.54
N THR D 159 -1.47 17.10 0.01
CA THR D 159 -1.58 15.78 0.62
C THR D 159 -1.64 14.72 -0.47
N ASP D 160 -1.42 13.46 -0.06
CA ASP D 160 -1.80 12.30 -0.86
C ASP D 160 -0.98 12.20 -2.15
N PHE D 161 0.32 12.47 -2.05
CA PHE D 161 1.23 12.34 -3.18
C PHE D 161 2.31 11.32 -2.84
N TYR D 162 2.86 10.71 -3.89
CA TYR D 162 3.92 9.73 -3.76
C TYR D 162 4.67 9.71 -5.08
N PRO D 163 6.02 9.77 -5.05
CA PRO D 163 6.91 9.83 -3.88
C PRO D 163 6.82 11.15 -3.13
N GLY D 164 7.46 11.25 -1.98
CA GLY D 164 7.33 12.43 -1.14
C GLY D 164 8.31 13.55 -1.44
N VAL D 165 8.22 14.13 -2.64
CA VAL D 165 9.03 15.28 -2.99
C VAL D 165 8.17 16.24 -3.82
N VAL D 166 8.08 17.49 -3.36
CA VAL D 166 7.40 18.57 -4.07
C VAL D 166 8.20 19.84 -3.90
N THR D 167 8.00 20.76 -4.83
CA THR D 167 8.49 22.13 -4.73
C THR D 167 7.31 23.07 -4.87
N VAL D 168 7.29 24.10 -4.03
CA VAL D 168 6.20 25.07 -3.97
C VAL D 168 6.74 26.41 -4.47
N ASP D 169 6.02 27.01 -5.40
CA ASP D 169 6.33 28.35 -5.90
C ASP D 169 5.07 29.20 -5.85
N TRP D 170 5.16 30.33 -5.15
CA TRP D 170 4.07 31.30 -5.11
C TRP D 170 4.34 32.40 -6.12
N LYS D 171 3.27 32.89 -6.75
CA LYS D 171 3.39 34.03 -7.66
C LYS D 171 2.23 34.99 -7.46
N VAL D 172 2.53 36.29 -7.45
CA VAL D 172 1.53 37.34 -7.45
C VAL D 172 1.69 38.12 -8.75
N ASP D 173 0.58 38.30 -9.47
CA ASP D 173 0.59 38.90 -10.81
C ASP D 173 1.59 38.21 -11.71
N GLY D 174 1.70 36.89 -11.57
CA GLY D 174 2.64 36.12 -12.38
C GLY D 174 4.08 36.38 -12.02
N THR D 175 4.32 37.14 -10.94
CA THR D 175 5.66 37.41 -10.47
C THR D 175 5.97 36.51 -9.29
N PRO D 176 7.02 35.70 -9.35
CA PRO D 176 7.34 34.81 -8.22
C PRO D 176 7.60 35.60 -6.95
N VAL D 177 7.00 35.15 -5.86
CA VAL D 177 7.08 35.83 -4.57
C VAL D 177 8.18 35.12 -3.78
N THR D 178 9.40 35.63 -3.86
CA THR D 178 10.51 35.07 -3.09
C THR D 178 10.59 35.64 -1.67
N GLN D 179 9.52 36.30 -1.21
CA GLN D 179 9.47 36.86 0.13
C GLN D 179 8.18 36.43 0.82
N GLY D 180 8.31 35.87 2.02
CA GLY D 180 7.18 35.53 2.84
C GLY D 180 6.77 34.07 2.81
N MET D 181 7.21 33.29 1.83
CA MET D 181 6.79 31.91 1.81
C MET D 181 7.68 31.09 2.74
N GLU D 182 7.16 29.94 3.17
CA GLU D 182 8.01 28.82 3.54
C GLU D 182 7.16 27.57 3.68
N THR D 183 7.79 26.45 3.33
CA THR D 183 7.10 25.18 3.16
C THR D 183 7.62 24.18 4.19
N THR D 184 6.73 23.33 4.69
CA THR D 184 7.13 22.28 5.60
C THR D 184 7.73 21.11 4.82
N GLN D 185 8.39 20.24 5.53
CA GLN D 185 8.95 19.10 4.82
C GLN D 185 7.89 18.00 4.66
N PRO D 186 8.02 17.17 3.63
CA PRO D 186 7.06 16.08 3.46
C PRO D 186 7.10 15.11 4.65
N SER D 187 5.92 14.83 5.20
CA SER D 187 5.77 13.90 6.31
C SER D 187 4.73 12.85 5.95
N LYS D 188 4.84 11.69 6.61
CA LYS D 188 4.10 10.50 6.23
C LYS D 188 2.79 10.40 6.99
N GLN D 189 1.70 10.12 6.27
CA GLN D 189 0.40 9.91 6.90
C GLN D 189 0.18 8.41 7.15
N SER D 190 -1.06 8.02 7.38
CA SER D 190 -1.38 6.62 7.65
C SER D 190 -1.41 5.79 6.38
N ASN D 191 -1.84 6.37 5.26
CA ASN D 191 -1.93 5.63 4.00
C ASN D 191 -0.59 5.42 3.31
N ASN D 192 0.52 5.74 3.98
CA ASN D 192 1.89 5.53 3.51
C ASN D 192 2.32 6.51 2.42
N LYS D 193 1.46 7.44 2.01
CA LYS D 193 1.91 8.49 1.10
C LYS D 193 2.56 9.62 1.88
N TYR D 194 2.53 10.84 1.35
CA TYR D 194 3.19 11.97 1.98
C TYR D 194 2.30 13.19 1.95
N MET D 195 2.65 14.16 2.82
CA MET D 195 1.89 15.39 2.99
C MET D 195 2.83 16.50 3.41
N ALA D 196 2.48 17.73 3.05
CA ALA D 196 3.27 18.90 3.40
C ALA D 196 2.44 20.15 3.16
N SER D 197 2.87 21.26 3.76
CA SER D 197 2.15 22.51 3.67
C SER D 197 3.13 23.64 3.37
N SER D 198 2.59 24.72 2.79
CA SER D 198 3.36 25.93 2.50
C SER D 198 2.54 27.15 2.89
N TYR D 199 3.14 28.04 3.67
CA TYR D 199 2.45 29.22 4.17
C TYR D 199 3.05 30.47 3.56
N LEU D 200 2.19 31.44 3.27
CA LEU D 200 2.58 32.76 2.80
C LEU D 200 2.07 33.77 3.82
N THR D 201 2.96 34.61 4.34
CA THR D 201 2.63 35.48 5.47
C THR D 201 3.07 36.91 5.16
N LEU D 202 2.11 37.80 4.94
CA LEU D 202 2.36 39.22 4.74
C LEU D 202 1.45 40.01 5.68
N THR D 203 1.52 41.34 5.57
CA THR D 203 0.59 42.19 6.29
C THR D 203 -0.72 42.31 5.50
N ALA D 204 -1.78 42.75 6.20
CA ALA D 204 -3.12 42.69 5.65
C ALA D 204 -3.29 43.51 4.38
N ARG D 205 -2.48 44.57 4.23
CA ARG D 205 -2.53 45.40 3.03
C ARG D 205 -2.32 44.59 1.77
N ALA D 206 -1.36 43.66 1.77
CA ALA D 206 -1.14 42.79 0.61
C ALA D 206 -2.40 42.01 0.25
N TRP D 207 -3.07 41.41 1.24
CA TRP D 207 -4.35 40.77 0.98
C TRP D 207 -5.44 41.77 0.60
N GLU D 208 -5.19 43.07 0.73
CA GLU D 208 -6.07 44.05 0.12
C GLU D 208 -5.69 44.38 -1.32
N ARG D 209 -4.41 44.29 -1.66
CA ARG D 209 -3.96 44.66 -3.00
C ARG D 209 -4.51 43.72 -4.06
N HIS D 210 -4.62 42.44 -3.73
CA HIS D 210 -5.18 41.40 -4.63
C HIS D 210 -4.25 41.26 -5.84
N SER D 211 -4.83 41.13 -7.05
CA SER D 211 -4.13 40.99 -8.31
C SER D 211 -3.48 39.62 -8.46
N SER D 212 -4.26 38.56 -8.21
CA SER D 212 -3.93 37.17 -8.51
C SER D 212 -2.80 36.62 -7.63
N TYR D 213 -3.14 35.60 -6.85
CA TYR D 213 -2.18 34.85 -6.04
C TYR D 213 -2.28 33.38 -6.42
N SER D 214 -1.16 32.80 -6.86
CA SER D 214 -1.11 31.44 -7.39
C SER D 214 -0.11 30.62 -6.59
N CYS D 215 -0.52 29.41 -6.21
CA CYS D 215 0.33 28.45 -5.53
C CYS D 215 0.54 27.26 -6.47
N GLN D 216 1.79 27.03 -6.86
CA GLN D 216 2.14 25.94 -7.78
C GLN D 216 2.98 24.89 -7.07
N VAL D 217 2.55 23.64 -7.20
CA VAL D 217 3.21 22.50 -6.57
C VAL D 217 3.67 21.57 -7.69
N THR D 218 4.98 21.37 -7.81
CA THR D 218 5.53 20.53 -8.86
C THR D 218 5.95 19.19 -8.27
N HIS D 219 5.34 18.11 -8.78
CA HIS D 219 5.56 16.76 -8.29
C HIS D 219 5.97 15.88 -9.46
N GLU D 220 7.16 15.28 -9.37
CA GLU D 220 7.68 14.35 -10.38
C GLU D 220 7.61 14.94 -11.78
N GLY D 221 7.83 16.26 -11.88
CA GLY D 221 7.87 16.93 -13.15
C GLY D 221 6.57 17.56 -13.60
N HIS D 222 5.44 17.21 -13.00
CA HIS D 222 4.14 17.75 -13.39
C HIS D 222 3.68 18.78 -12.37
N THR D 223 3.13 19.90 -12.86
CA THR D 223 2.80 21.03 -12.02
C THR D 223 1.29 21.09 -11.80
N VAL D 224 0.87 21.02 -10.54
CA VAL D 224 -0.51 21.27 -10.13
C VAL D 224 -0.59 22.68 -9.60
N GLU D 225 -1.77 23.29 -9.70
CA GLU D 225 -1.92 24.71 -9.40
C GLU D 225 -3.23 24.96 -8.68
N LYS D 226 -3.18 25.88 -7.70
CA LYS D 226 -4.39 26.43 -7.09
C LYS D 226 -4.17 27.91 -6.88
N SER D 227 -5.07 28.73 -7.43
CA SER D 227 -4.88 30.17 -7.43
C SER D 227 -6.21 30.87 -7.21
N LEU D 228 -6.20 31.91 -6.39
CA LEU D 228 -7.37 32.76 -6.18
C LEU D 228 -6.94 34.23 -6.30
N SER D 229 -7.94 35.10 -6.45
CA SER D 229 -7.67 36.53 -6.55
C SER D 229 -8.65 37.36 -5.73
N ARG D 230 -9.54 36.72 -4.97
CA ARG D 230 -10.53 37.43 -4.18
C ARG D 230 -9.90 38.03 -2.91
#